data_4WIA
#
_entry.id   4WIA
#
_cell.length_a   130.960
_cell.length_b   130.960
_cell.length_c   89.081
_cell.angle_alpha   90.00
_cell.angle_beta   90.00
_cell.angle_gamma   120.00
#
_symmetry.space_group_name_H-M   'P 31 2 1'
#
loop_
_entity.id
_entity.type
_entity.pdbx_description
1 polymer 'Putative flagella-related protein H'
2 non-polymer 'SULFATE ION'
3 non-polymer GLYCEROL
4 water water
#
_entity_poly.entity_id   1
_entity_poly.type   'polypeptide(L)'
_entity_poly.pdbx_seq_one_letter_code
;(MSE)GI(MSE)ELARIDLSRDDLDKRIGGGIPHGSLIIIEGEESTGKSVLCQRLAYGFLQNRYSVTYVSTQLTTLEFIK
Q(MSE)NSLNYSINKKLLSGALLYIPVYPLIADNKKKDGFLKKV(MSE)ETRAFYEKDVIIFDSISALIANDASEVNVDD
L(MSE)AFFKRITALKKIIICTVNPKELPESVLTIIRTSAT(MSE)LIRTELFTFGGDLKNLAKILKYN(MSE)APGSYQ
KNIVFRVEPKIGIAVEIASVA
;
_entity_poly.pdbx_strand_id   A,B,C
#
# COMPACT_ATOMS: atom_id res chain seq x y z
N GLU A 5 7.85 12.90 9.03
CA GLU A 5 9.11 12.48 9.69
C GLU A 5 9.14 11.01 10.21
N LEU A 6 8.10 10.21 9.96
CA LEU A 6 8.10 8.78 10.30
C LEU A 6 8.07 7.90 9.09
N ALA A 7 9.07 7.05 8.95
CA ALA A 7 9.03 6.12 7.88
C ALA A 7 8.30 4.84 8.32
N ARG A 8 7.35 4.40 7.50
CA ARG A 8 6.49 3.27 7.81
C ARG A 8 7.02 1.94 7.38
N ILE A 9 6.89 0.99 8.27
CA ILE A 9 7.34 -0.35 8.05
C ILE A 9 6.17 -1.37 8.20
N ASP A 10 4.95 -0.88 8.20
CA ASP A 10 3.78 -1.67 8.52
C ASP A 10 3.55 -2.86 7.63
N LEU A 11 3.29 -4.01 8.23
CA LEU A 11 2.75 -5.16 7.54
C LEU A 11 1.53 -5.73 8.24
N SER A 12 0.68 -6.38 7.47
CA SER A 12 -0.47 -7.01 8.03
C SER A 12 -0.09 -8.06 9.08
N ARG A 13 0.95 -8.81 8.80
CA ARG A 13 1.23 -10.03 9.49
C ARG A 13 1.84 -9.83 10.85
N ASP A 14 2.28 -8.65 11.20
CA ASP A 14 2.77 -8.45 12.52
C ASP A 14 2.46 -7.03 12.97
N ASP A 15 2.71 -6.77 14.23
CA ASP A 15 2.53 -5.42 14.79
C ASP A 15 3.87 -4.76 15.21
N LEU A 16 4.94 -5.05 14.51
CA LEU A 16 6.25 -4.45 14.81
C LEU A 16 6.21 -2.92 14.74
N ASP A 17 5.40 -2.36 13.83
CA ASP A 17 5.20 -0.93 13.77
C ASP A 17 4.73 -0.32 15.06
N LYS A 18 3.84 -0.99 15.78
CA LYS A 18 3.35 -0.45 17.05
C LYS A 18 4.46 -0.50 18.07
N ARG A 19 5.22 -1.56 18.07
CA ARG A 19 6.20 -1.74 19.13
C ARG A 19 7.41 -0.88 19.03
N ILE A 20 7.67 -0.33 17.84
CA ILE A 20 8.72 0.68 17.67
C ILE A 20 8.14 2.10 17.67
N GLY A 21 6.86 2.21 18.07
CA GLY A 21 6.23 3.52 18.37
C GLY A 21 5.59 4.14 17.16
N GLY A 22 5.38 3.37 16.09
CA GLY A 22 4.68 3.85 14.90
C GLY A 22 5.43 3.69 13.61
N GLY A 23 6.77 3.71 13.68
CA GLY A 23 7.61 3.71 12.52
C GLY A 23 9.03 4.03 12.92
N ILE A 24 9.90 4.21 11.92
CA ILE A 24 11.25 4.54 12.18
C ILE A 24 11.43 6.01 11.84
N PRO A 25 11.98 6.83 12.76
CA PRO A 25 12.15 8.24 12.42
C PRO A 25 13.15 8.43 11.31
N HIS A 26 12.76 9.27 10.38
CA HIS A 26 13.71 9.79 9.41
C HIS A 26 14.97 10.33 10.11
N GLY A 27 16.15 10.16 9.48
CA GLY A 27 17.39 10.56 10.06
C GLY A 27 17.92 9.61 11.11
N SER A 28 17.37 8.42 11.23
CA SER A 28 17.86 7.50 12.26
C SER A 28 19.15 6.80 11.78
N LEU A 29 20.07 6.61 12.71
CA LEU A 29 21.10 5.65 12.60
C LEU A 29 20.85 4.53 13.61
N ILE A 30 20.47 3.39 13.08
CA ILE A 30 20.12 2.27 13.87
C ILE A 30 21.28 1.31 13.89
N ILE A 31 21.73 0.97 15.07
CA ILE A 31 22.75 -0.04 15.22
C ILE A 31 22.16 -1.29 15.85
N ILE A 32 22.32 -2.41 15.19
CA ILE A 32 21.89 -3.68 15.71
C ILE A 32 23.06 -4.52 16.09
N GLU A 33 23.28 -4.68 17.38
CA GLU A 33 24.50 -5.25 17.89
C GLU A 33 24.19 -6.55 18.59
N GLY A 34 24.88 -7.61 18.21
CA GLY A 34 24.72 -8.88 18.89
C GLY A 34 25.63 -9.89 18.24
N GLU A 35 25.81 -11.02 18.92
CA GLU A 35 26.63 -12.09 18.40
C GLU A 35 26.02 -12.83 17.20
N GLU A 36 26.80 -13.71 16.61
CA GLU A 36 26.31 -14.50 15.51
C GLU A 36 25.03 -15.18 15.88
N SER A 37 24.12 -15.34 14.92
CA SER A 37 22.90 -16.18 15.08
C SER A 37 21.84 -15.61 16.04
N THR A 38 21.97 -14.34 16.40
CA THR A 38 21.03 -13.73 17.30
C THR A 38 19.91 -12.99 16.56
N GLY A 39 19.89 -13.08 15.23
CA GLY A 39 18.76 -12.54 14.46
C GLY A 39 18.92 -11.17 13.84
N LYS A 40 20.14 -10.65 13.77
CA LYS A 40 20.36 -9.29 13.28
C LYS A 40 19.94 -9.13 11.83
N SER A 41 20.37 -10.08 11.03
CA SER A 41 20.10 -10.07 9.61
C SER A 41 18.61 -10.17 9.32
N VAL A 42 17.96 -11.12 9.95
CA VAL A 42 16.49 -11.26 9.74
C VAL A 42 15.73 -9.99 10.12
N LEU A 43 16.20 -9.31 11.15
CA LEU A 43 15.60 -8.06 11.54
C LEU A 43 15.78 -7.02 10.50
N CYS A 44 16.99 -6.96 9.87
CA CYS A 44 17.23 -6.00 8.78
C CYS A 44 16.35 -6.31 7.63
N GLN A 45 16.15 -7.60 7.39
CA GLN A 45 15.32 -8.09 6.28
C GLN A 45 13.85 -7.74 6.45
N ARG A 46 13.33 -7.91 7.68
CA ARG A 46 11.96 -7.49 8.01
C ARG A 46 11.80 -5.98 7.81
N LEU A 47 12.78 -5.23 8.31
CA LEU A 47 12.68 -3.77 8.15
C LEU A 47 12.71 -3.37 6.69
N ALA A 48 13.64 -3.98 5.93
CA ALA A 48 13.73 -3.70 4.50
C ALA A 48 12.45 -4.02 3.76
N TYR A 49 11.88 -5.20 4.01
CA TYR A 49 10.58 -5.53 3.39
C TYR A 49 9.47 -4.56 3.75
N GLY A 50 9.37 -4.18 5.03
CA GLY A 50 8.39 -3.15 5.45
C GLY A 50 8.52 -1.83 4.70
N PHE A 51 9.75 -1.26 4.70
CA PHE A 51 9.99 -0.03 3.95
C PHE A 51 9.59 -0.20 2.48
N LEU A 52 10.04 -1.28 1.84
CA LEU A 52 9.73 -1.44 0.44
C LEU A 52 8.23 -1.53 0.16
N GLN A 53 7.49 -2.24 1.02
CA GLN A 53 6.05 -2.37 0.80
C GLN A 53 5.36 -1.06 1.03
N ASN A 54 5.96 -0.19 1.84
CA ASN A 54 5.36 1.12 2.07
C ASN A 54 5.92 2.23 1.17
N ARG A 55 6.53 1.83 0.06
CA ARG A 55 6.92 2.73 -1.05
C ARG A 55 8.17 3.56 -0.77
N TYR A 56 9.00 3.05 0.13
CA TYR A 56 10.39 3.54 0.27
C TYR A 56 11.39 2.68 -0.58
N SER A 57 12.56 3.25 -0.87
CA SER A 57 13.59 2.55 -1.57
C SER A 57 14.65 2.13 -0.55
N VAL A 58 15.32 1.02 -0.81
CA VAL A 58 16.29 0.50 0.10
C VAL A 58 17.55 0.09 -0.67
N THR A 59 18.71 0.37 -0.07
CA THR A 59 19.94 -0.26 -0.43
C THR A 59 20.32 -1.24 0.66
N TYR A 60 20.65 -2.47 0.27
CA TYR A 60 21.07 -3.47 1.24
C TYR A 60 22.47 -3.94 0.87
N VAL A 61 23.46 -3.68 1.73
CA VAL A 61 24.81 -4.06 1.52
C VAL A 61 25.09 -5.22 2.46
N SER A 62 25.40 -6.38 1.90
CA SER A 62 25.64 -7.59 2.65
C SER A 62 27.11 -8.08 2.48
N THR A 63 27.77 -8.36 3.60
CA THR A 63 29.04 -9.04 3.61
C THR A 63 28.90 -10.55 3.63
N GLN A 64 27.67 -11.09 3.50
CA GLN A 64 27.45 -12.54 3.69
C GLN A 64 26.75 -13.27 2.55
N LEU A 65 25.82 -12.64 1.86
CA LEU A 65 25.02 -13.30 0.88
C LEU A 65 25.18 -12.69 -0.50
N THR A 66 25.34 -13.58 -1.47
CA THR A 66 25.25 -13.21 -2.88
C THR A 66 23.81 -12.85 -3.14
N THR A 67 23.56 -12.28 -4.31
CA THR A 67 22.20 -11.90 -4.70
C THR A 67 21.28 -13.14 -4.67
N LEU A 68 21.73 -14.22 -5.22
CA LEU A 68 20.96 -15.44 -5.32
C LEU A 68 20.54 -15.93 -3.92
N GLU A 69 21.53 -16.03 -3.02
CA GLU A 69 21.29 -16.45 -1.65
C GLU A 69 20.33 -15.50 -0.96
N PHE A 70 20.45 -14.21 -1.20
CA PHE A 70 19.56 -13.22 -0.64
C PHE A 70 18.10 -13.42 -1.13
N ILE A 71 17.93 -13.61 -2.42
CA ILE A 71 16.60 -13.84 -2.92
C ILE A 71 15.98 -15.10 -2.26
N LYS A 72 16.76 -16.17 -2.12
CA LYS A 72 16.24 -17.35 -1.48
C LYS A 72 15.91 -17.08 -0.03
N GLN A 73 16.79 -16.37 0.67
CA GLN A 73 16.60 -16.11 2.07
C GLN A 73 15.35 -15.24 2.28
N ASN A 75 12.85 -15.11 0.10
CA ASN A 75 11.72 -15.93 -0.25
C ASN A 75 11.35 -16.91 0.88
N SER A 76 12.35 -17.38 1.61
CA SER A 76 12.16 -18.37 2.66
C SER A 76 11.35 -17.77 3.81
N LEU A 77 11.50 -16.47 4.01
CA LEU A 77 10.72 -15.72 4.97
C LEU A 77 9.41 -15.15 4.43
N ASN A 78 9.11 -15.42 3.17
CA ASN A 78 7.97 -14.81 2.58
C ASN A 78 8.03 -13.30 2.61
N TYR A 79 9.23 -12.79 2.38
CA TYR A 79 9.44 -11.39 2.16
C TYR A 79 9.97 -11.26 0.77
N SER A 80 9.30 -11.82 -0.23
CA SER A 80 9.94 -11.90 -1.52
C SER A 80 10.07 -10.50 -2.20
N ILE A 81 11.24 -10.25 -2.79
CA ILE A 81 11.57 -8.89 -3.28
C ILE A 81 12.04 -8.85 -4.74
N ASN A 82 11.60 -9.82 -5.53
CA ASN A 82 11.98 -9.93 -6.92
C ASN A 82 11.63 -8.71 -7.73
N LYS A 83 10.39 -8.31 -7.67
CA LYS A 83 9.95 -7.15 -8.41
C LYS A 83 10.64 -5.88 -7.97
N LYS A 84 10.94 -5.78 -6.70
CA LYS A 84 11.57 -4.59 -6.18
C LYS A 84 13.03 -4.53 -6.69
N LEU A 85 13.68 -5.68 -6.84
CA LEU A 85 14.99 -5.74 -7.47
C LEU A 85 14.92 -5.29 -8.92
N LEU A 86 13.90 -5.74 -9.64
CA LEU A 86 13.86 -5.48 -11.08
C LEU A 86 13.63 -4.04 -11.38
N SER A 87 12.98 -3.32 -10.48
CA SER A 87 12.65 -1.92 -10.73
C SER A 87 13.77 -1.01 -10.23
N GLY A 88 14.70 -1.59 -9.49
CA GLY A 88 15.67 -0.79 -8.77
C GLY A 88 15.18 -0.19 -7.45
N ALA A 89 13.92 -0.41 -7.07
CA ALA A 89 13.47 -0.08 -5.76
C ALA A 89 14.32 -0.63 -4.64
N LEU A 90 14.76 -1.87 -4.80
CA LEU A 90 15.78 -2.46 -3.91
C LEU A 90 17.10 -2.60 -4.68
N LEU A 91 18.20 -2.01 -4.13
CA LEU A 91 19.50 -2.14 -4.69
C LEU A 91 20.27 -2.98 -3.71
N TYR A 92 20.66 -4.16 -4.18
CA TYR A 92 21.31 -5.16 -3.36
C TYR A 92 22.81 -5.23 -3.73
N ILE A 93 23.69 -5.09 -2.74
CA ILE A 93 25.12 -4.99 -2.97
C ILE A 93 25.87 -6.09 -2.22
N PRO A 94 26.19 -7.16 -2.91
CA PRO A 94 27.01 -8.17 -2.26
C PRO A 94 28.49 -7.74 -2.20
N VAL A 95 29.10 -7.78 -1.01
CA VAL A 95 30.52 -7.53 -0.88
C VAL A 95 31.33 -8.83 -1.13
N TYR A 96 31.55 -9.14 -2.41
CA TYR A 96 32.13 -10.46 -2.82
C TYR A 96 33.39 -10.87 -2.10
N PRO A 97 34.31 -9.93 -1.91
CA PRO A 97 35.57 -10.39 -1.30
C PRO A 97 35.39 -10.89 0.15
N LEU A 98 34.40 -10.36 0.88
CA LEU A 98 34.15 -10.85 2.23
C LEU A 98 33.31 -12.11 2.19
N ILE A 99 32.40 -12.20 1.22
CA ILE A 99 31.54 -13.38 1.01
C ILE A 99 32.41 -14.58 0.62
N ALA A 100 33.30 -14.35 -0.33
CA ALA A 100 34.27 -15.36 -0.80
C ALA A 100 35.39 -15.68 0.20
N ASP A 101 35.83 -14.68 0.96
CA ASP A 101 36.79 -14.93 2.04
C ASP A 101 36.54 -14.03 3.25
N ASN A 102 36.06 -14.65 4.33
CA ASN A 102 35.67 -13.92 5.55
C ASN A 102 36.70 -12.87 5.95
N LYS A 103 37.98 -13.21 5.81
CA LYS A 103 39.07 -12.34 6.29
C LYS A 103 39.92 -11.59 5.24
N LYS A 104 39.42 -11.52 4.00
CA LYS A 104 40.04 -10.71 2.94
C LYS A 104 40.05 -9.24 3.35
N LYS A 105 41.16 -8.55 3.13
CA LYS A 105 41.39 -7.16 3.59
C LYS A 105 41.50 -6.13 2.46
N ASP A 106 40.95 -4.93 2.66
CA ASP A 106 40.73 -3.99 1.55
C ASP A 106 40.15 -2.65 2.04
N GLY A 107 40.10 -1.64 1.16
CA GLY A 107 39.54 -0.30 1.47
C GLY A 107 38.06 -0.31 1.42
N PHE A 108 37.49 -1.10 2.34
CA PHE A 108 36.04 -1.26 2.37
C PHE A 108 35.36 0.03 2.74
N LEU A 109 35.89 0.69 3.74
CA LEU A 109 35.28 1.91 4.25
C LEU A 109 35.29 3.08 3.28
N LYS A 110 36.35 3.18 2.50
CA LYS A 110 36.41 4.16 1.43
C LYS A 110 35.32 3.90 0.39
N LYS A 111 35.17 2.64 -0.04
CA LYS A 111 34.06 2.25 -0.96
C LYS A 111 32.67 2.60 -0.41
N VAL A 112 32.47 2.26 0.85
CA VAL A 112 31.24 2.59 1.53
C VAL A 112 30.94 4.09 1.48
N GLU A 114 32.10 6.36 -0.54
CA GLU A 114 32.24 7.00 -1.85
C GLU A 114 31.26 6.53 -2.92
N THR A 115 30.58 5.43 -2.70
CA THR A 115 29.68 4.99 -3.75
C THR A 115 28.32 5.71 -3.70
N ARG A 116 28.11 6.65 -4.62
CA ARG A 116 26.92 7.50 -4.65
C ARG A 116 25.67 6.72 -4.70
N ALA A 117 25.71 5.64 -5.46
CA ALA A 117 24.50 4.89 -5.79
C ALA A 117 23.76 4.41 -4.54
N PHE A 118 24.51 4.06 -3.49
CA PHE A 118 23.93 3.55 -2.30
C PHE A 118 22.97 4.57 -1.72
N TYR A 119 23.37 5.84 -1.77
CA TYR A 119 22.72 6.91 -0.98
C TYR A 119 21.64 7.63 -1.75
N GLU A 120 21.36 7.18 -2.95
CA GLU A 120 20.15 7.67 -3.63
C GLU A 120 18.89 7.06 -3.01
N LYS A 121 18.99 5.98 -2.25
CA LYS A 121 17.79 5.37 -1.68
C LYS A 121 17.45 5.95 -0.34
N ASP A 122 16.22 5.65 0.16
CA ASP A 122 15.72 6.24 1.42
C ASP A 122 16.40 5.60 2.58
N VAL A 123 16.76 4.35 2.45
CA VAL A 123 17.23 3.59 3.57
C VAL A 123 18.42 2.83 3.12
N ILE A 124 19.50 2.86 3.92
CA ILE A 124 20.69 2.11 3.57
C ILE A 124 21.09 1.18 4.67
N ILE A 125 21.25 -0.10 4.34
CA ILE A 125 21.53 -1.11 5.34
C ILE A 125 22.96 -1.69 5.13
N PHE A 126 23.78 -1.76 6.19
CA PHE A 126 25.03 -2.46 6.13
C PHE A 126 25.00 -3.66 7.07
N ASP A 127 24.97 -4.85 6.49
CA ASP A 127 24.94 -6.06 7.28
C ASP A 127 26.09 -6.94 6.77
N SER A 128 27.33 -6.79 7.27
CA SER A 128 27.72 -6.27 8.57
C SER A 128 28.68 -5.08 8.41
N ILE A 129 28.43 -4.03 9.16
CA ILE A 129 29.35 -2.93 9.22
C ILE A 129 30.57 -3.35 10.04
N SER A 130 30.38 -4.21 11.04
CA SER A 130 31.52 -4.68 11.85
C SER A 130 32.54 -5.47 11.01
N ALA A 131 32.09 -6.32 10.08
CA ALA A 131 33.02 -7.02 9.18
C ALA A 131 33.77 -6.04 8.27
N LEU A 132 33.09 -5.01 7.78
CA LEU A 132 33.74 -4.02 6.90
C LEU A 132 34.77 -3.18 7.63
N ILE A 133 34.51 -2.81 8.87
CA ILE A 133 35.52 -2.10 9.67
C ILE A 133 36.68 -3.04 9.97
N ALA A 134 36.39 -4.19 10.53
CA ALA A 134 37.43 -5.10 11.03
C ALA A 134 38.39 -5.53 9.93
N ASN A 135 37.92 -5.54 8.68
CA ASN A 135 38.76 -5.91 7.58
C ASN A 135 39.19 -4.76 6.68
N ASP A 136 38.97 -3.54 7.13
CA ASP A 136 39.41 -2.37 6.37
C ASP A 136 40.93 -2.22 6.45
N ALA A 137 41.52 -1.78 5.34
CA ALA A 137 42.96 -1.59 5.23
C ALA A 137 43.20 -0.16 4.75
N SER A 138 43.07 0.79 5.67
CA SER A 138 43.22 2.21 5.32
C SER A 138 43.36 3.03 6.57
N GLU A 139 43.61 4.33 6.41
CA GLU A 139 43.61 5.25 7.55
C GLU A 139 42.23 5.78 7.90
N VAL A 140 41.20 5.40 7.14
CA VAL A 140 39.86 5.76 7.56
C VAL A 140 39.60 5.05 8.88
N ASN A 141 39.21 5.82 9.89
CA ASN A 141 38.77 5.28 11.19
C ASN A 141 37.25 5.44 11.45
N VAL A 142 36.82 4.88 12.58
CA VAL A 142 35.40 4.79 12.94
C VAL A 142 34.73 6.14 13.13
N ASP A 143 35.42 7.07 13.78
CA ASP A 143 34.90 8.43 13.96
C ASP A 143 34.57 9.06 12.60
N ASP A 144 35.43 8.78 11.61
CA ASP A 144 35.25 9.31 10.25
C ASP A 144 34.02 8.70 9.63
N LEU A 145 33.91 7.39 9.79
CA LEU A 145 32.78 6.70 9.24
C LEU A 145 31.49 7.18 9.87
N ALA A 147 30.95 10.05 11.34
CA ALA A 147 30.71 11.42 10.89
C ALA A 147 30.07 11.44 9.52
N PHE A 148 30.52 10.53 8.66
CA PHE A 148 29.96 10.43 7.34
C PHE A 148 28.49 9.99 7.37
N PHE A 149 28.23 8.93 8.14
CA PHE A 149 26.80 8.47 8.34
C PHE A 149 25.91 9.59 8.90
N LYS A 150 26.42 10.33 9.86
CA LYS A 150 25.68 11.50 10.40
C LYS A 150 25.32 12.56 9.35
N ARG A 151 26.22 12.74 8.39
CA ARG A 151 26.07 13.63 7.28
C ARG A 151 24.95 13.11 6.37
N ILE A 152 24.91 11.81 6.13
CA ILE A 152 23.82 11.25 5.33
C ILE A 152 22.46 11.24 6.07
N THR A 153 22.44 10.86 7.34
CA THR A 153 21.16 10.87 8.10
C THR A 153 20.64 12.26 8.28
N ALA A 154 21.55 13.24 8.29
CA ALA A 154 21.11 14.64 8.30
C ALA A 154 20.27 14.99 7.08
N LEU A 155 20.42 14.24 6.00
CA LEU A 155 19.55 14.44 4.83
C LEU A 155 18.23 13.71 4.95
N LYS A 156 17.88 13.22 6.14
CA LYS A 156 16.60 12.50 6.35
C LYS A 156 16.58 11.03 5.93
N LYS A 157 17.70 10.56 5.41
CA LYS A 157 17.87 9.16 5.15
C LYS A 157 17.95 8.38 6.45
N ILE A 158 17.78 7.10 6.32
CA ILE A 158 17.90 6.20 7.41
C ILE A 158 19.03 5.23 7.15
N ILE A 159 19.90 5.00 8.13
CA ILE A 159 20.94 4.01 8.01
C ILE A 159 20.87 2.95 9.08
N ILE A 160 21.09 1.70 8.70
CA ILE A 160 20.97 0.62 9.61
C ILE A 160 22.20 -0.25 9.46
N CYS A 161 22.93 -0.52 10.54
CA CYS A 161 24.07 -1.43 10.50
C CYS A 161 23.94 -2.54 11.52
N THR A 162 24.47 -3.70 11.17
CA THR A 162 24.68 -4.73 12.17
C THR A 162 26.15 -4.74 12.63
N VAL A 163 26.33 -5.10 13.89
CA VAL A 163 27.61 -5.17 14.51
C VAL A 163 27.72 -6.47 15.28
N ASN A 164 28.74 -7.27 14.99
CA ASN A 164 29.07 -8.42 15.82
C ASN A 164 30.17 -8.02 16.76
N PRO A 165 29.89 -7.96 18.07
CA PRO A 165 30.90 -7.38 18.96
C PRO A 165 32.19 -8.20 19.05
N LYS A 166 32.16 -9.47 18.62
CA LYS A 166 33.36 -10.30 18.57
C LYS A 166 34.41 -9.87 17.54
N GLU A 167 34.02 -8.96 16.68
CA GLU A 167 34.81 -8.63 15.53
C GLU A 167 35.54 -7.35 15.81
N LEU A 168 35.17 -6.62 16.87
CA LEU A 168 35.76 -5.32 17.15
C LEU A 168 36.04 -5.14 18.62
N PRO A 169 37.14 -4.41 18.95
CA PRO A 169 37.36 -4.02 20.37
C PRO A 169 36.28 -3.05 20.93
N GLU A 170 36.16 -3.11 22.25
CA GLU A 170 35.19 -2.34 23.02
C GLU A 170 35.36 -0.85 22.80
N SER A 171 36.60 -0.43 22.64
CA SER A 171 36.90 0.98 22.38
C SER A 171 36.10 1.44 21.15
N VAL A 172 36.11 0.63 20.10
CA VAL A 172 35.42 0.97 18.86
C VAL A 172 33.89 0.88 19.01
N LEU A 173 33.46 -0.17 19.70
CA LEU A 173 32.01 -0.41 19.87
C LEU A 173 31.35 0.76 20.60
N THR A 174 31.97 1.20 21.69
CA THR A 174 31.49 2.37 22.44
C THR A 174 31.23 3.59 21.56
N ILE A 175 32.06 3.79 20.53
CA ILE A 175 31.92 4.95 19.64
C ILE A 175 30.72 4.79 18.77
N ILE A 176 30.56 3.59 18.25
CA ILE A 176 29.42 3.32 17.38
C ILE A 176 28.16 3.52 18.18
N ARG A 177 28.15 3.01 19.40
CA ARG A 177 26.94 3.04 20.25
C ARG A 177 26.58 4.48 20.54
N THR A 178 27.59 5.30 20.83
CA THR A 178 27.34 6.73 21.04
C THR A 178 26.73 7.39 19.80
N SER A 179 27.22 7.01 18.66
CA SER A 179 26.75 7.61 17.45
C SER A 179 25.33 7.13 17.13
N ALA A 180 24.98 5.94 17.55
CA ALA A 180 23.65 5.42 17.22
C ALA A 180 22.52 6.40 17.70
N THR A 181 21.49 6.63 16.89
CA THR A 181 20.29 7.24 17.39
C THR A 181 19.35 6.15 17.96
N LEU A 183 19.69 2.21 19.25
CA LEU A 183 20.53 1.08 19.51
C LEU A 183 19.73 -0.14 19.98
N ILE A 184 19.89 -1.24 19.27
CA ILE A 184 19.18 -2.44 19.54
C ILE A 184 20.18 -3.54 19.75
N ARG A 185 20.05 -4.25 20.86
CA ARG A 185 20.90 -5.40 21.13
C ARG A 185 20.13 -6.70 21.03
N THR A 186 20.68 -7.66 20.29
CA THR A 186 20.04 -8.94 20.08
C THR A 186 20.75 -10.07 20.82
N GLU A 187 19.96 -11.01 21.36
CA GLU A 187 20.46 -12.26 21.96
C GLU A 187 19.50 -13.41 21.72
N LEU A 188 19.98 -14.61 21.98
CA LEU A 188 19.18 -15.78 22.01
C LEU A 188 18.92 -16.13 23.45
N PHE A 189 17.76 -16.68 23.74
CA PHE A 189 17.47 -17.22 25.05
C PHE A 189 16.43 -18.30 24.88
N THR A 190 16.31 -19.12 25.89
CA THR A 190 15.44 -20.25 25.84
C THR A 190 14.46 -20.22 26.99
N PHE A 191 13.18 -20.30 26.67
CA PHE A 191 12.17 -20.44 27.70
C PHE A 191 11.22 -21.58 27.32
N GLY A 192 11.01 -22.47 28.27
CA GLY A 192 10.25 -23.67 28.01
C GLY A 192 10.96 -24.56 27.01
N GLY A 193 12.29 -24.57 27.03
CA GLY A 193 13.06 -25.36 26.10
C GLY A 193 12.93 -24.91 24.66
N ASP A 194 12.35 -23.76 24.43
CA ASP A 194 12.27 -23.19 23.10
C ASP A 194 13.27 -22.05 23.01
N LEU A 195 13.94 -21.96 21.87
CA LEU A 195 14.94 -20.95 21.65
C LEU A 195 14.31 -19.75 20.93
N LYS A 196 14.57 -18.54 21.39
CA LYS A 196 13.92 -17.33 20.86
C LYS A 196 14.92 -16.25 20.74
N ASN A 197 14.58 -15.23 19.97
CA ASN A 197 15.39 -14.04 19.87
C ASN A 197 14.83 -12.95 20.74
N LEU A 198 15.71 -12.14 21.31
CA LEU A 198 15.27 -10.96 21.99
C LEU A 198 16.00 -9.82 21.39
N ALA A 199 15.26 -8.78 21.01
CA ALA A 199 15.80 -7.51 20.57
C ALA A 199 15.46 -6.48 21.61
N LYS A 200 16.47 -5.94 22.29
CA LYS A 200 16.24 -4.97 23.31
C LYS A 200 16.67 -3.57 22.81
N ILE A 201 15.79 -2.59 23.00
CA ILE A 201 16.05 -1.26 22.49
C ILE A 201 16.70 -0.51 23.62
N LEU A 202 18.03 -0.42 23.58
CA LEU A 202 18.77 0.24 24.64
C LEU A 202 18.70 1.74 24.54
N LYS A 203 18.37 2.28 23.39
CA LYS A 203 18.38 3.72 23.20
C LYS A 203 17.58 4.02 21.99
N TYR A 204 16.85 5.12 22.00
CA TYR A 204 15.96 5.45 20.91
C TYR A 204 15.72 6.92 20.91
N ASN A 205 16.65 7.69 20.37
CA ASN A 205 16.44 9.13 20.19
C ASN A 205 15.34 9.33 19.17
N ALA A 207 12.36 8.89 19.55
CA ALA A 207 11.34 7.84 19.65
C ALA A 207 10.04 8.51 19.34
N PRO A 208 9.35 8.05 18.32
CA PRO A 208 8.12 8.69 17.85
C PRO A 208 6.89 8.39 18.66
N GLY A 209 7.01 7.54 19.66
CA GLY A 209 5.88 7.26 20.55
C GLY A 209 6.27 6.16 21.50
N SER A 210 5.33 5.82 22.35
CA SER A 210 5.55 4.79 23.33
C SER A 210 6.00 3.53 22.61
N TYR A 211 7.00 2.84 23.13
CA TYR A 211 7.52 1.69 22.44
C TYR A 211 7.86 0.58 23.39
N GLN A 212 8.00 -0.63 22.87
CA GLN A 212 8.36 -1.78 23.70
C GLN A 212 9.89 -1.84 23.81
N LYS A 213 10.41 -1.99 25.02
CA LYS A 213 11.82 -2.11 25.23
C LYS A 213 12.35 -3.49 24.83
N ASN A 214 11.63 -4.53 25.19
CA ASN A 214 12.04 -5.89 24.87
C ASN A 214 11.14 -6.47 23.83
N ILE A 215 11.67 -6.84 22.68
CA ILE A 215 10.84 -7.43 21.65
C ILE A 215 11.28 -8.88 21.46
N VAL A 216 10.44 -9.83 21.90
CA VAL A 216 10.73 -11.25 21.71
C VAL A 216 10.16 -11.74 20.39
N PHE A 217 10.94 -12.53 19.65
CA PHE A 217 10.46 -13.14 18.42
C PHE A 217 11.13 -14.45 18.14
N ARG A 218 10.55 -15.18 17.17
CA ARG A 218 11.20 -16.33 16.58
C ARG A 218 11.10 -16.14 15.06
N VAL A 219 12.00 -16.78 14.35
CA VAL A 219 12.01 -16.68 12.91
C VAL A 219 11.27 -17.90 12.39
N GLU A 220 10.18 -17.68 11.66
CA GLU A 220 9.33 -18.79 11.23
C GLU A 220 9.33 -18.89 9.71
N PRO A 221 9.50 -20.12 9.19
CA PRO A 221 9.42 -20.37 7.73
C PRO A 221 8.15 -19.75 7.12
N LYS A 222 8.33 -18.99 6.03
CA LYS A 222 7.22 -18.41 5.23
C LYS A 222 6.33 -17.39 5.98
N ILE A 223 6.89 -16.88 7.08
CA ILE A 223 6.31 -15.77 7.84
C ILE A 223 7.38 -14.70 8.05
N GLY A 224 8.53 -15.15 8.55
CA GLY A 224 9.62 -14.27 8.89
C GLY A 224 9.52 -14.15 10.39
N ILE A 225 9.67 -12.91 10.83
CA ILE A 225 9.60 -12.57 12.22
C ILE A 225 8.16 -12.85 12.67
N ALA A 226 8.02 -13.76 13.63
CA ALA A 226 6.79 -13.94 14.39
C ALA A 226 7.06 -13.27 15.74
N VAL A 227 6.44 -12.12 15.97
CA VAL A 227 6.60 -11.37 17.22
C VAL A 227 5.70 -11.95 18.29
N GLU A 228 6.27 -12.27 19.44
CA GLU A 228 5.50 -12.81 20.53
C GLU A 228 4.58 -11.72 21.04
N ILE A 229 3.30 -12.00 21.14
CA ILE A 229 2.38 -11.02 21.69
C ILE A 229 2.66 -10.93 23.22
N ALA A 230 3.08 -9.76 23.71
CA ALA A 230 3.56 -9.60 25.09
C ALA A 230 2.37 -9.61 26.05
N SER A 231 1.37 -8.77 25.76
CA SER A 231 0.08 -8.80 26.52
C SER A 231 -1.06 -9.60 25.90
N VAL A 232 -1.74 -10.38 26.73
CA VAL A 232 -2.96 -11.05 26.32
C VAL A 232 -4.16 -10.12 26.54
N ALA A 233 -4.90 -9.87 25.46
CA ALA A 233 -6.05 -8.98 25.49
C ALA A 233 -7.20 -9.38 26.45
N GLU B 5 -6.22 16.75 0.59
CA GLU B 5 -5.65 17.69 -0.45
C GLU B 5 -4.76 17.07 -1.51
N LEU B 6 -3.97 16.08 -1.12
CA LEU B 6 -2.90 15.55 -1.97
C LEU B 6 -3.11 14.12 -2.39
N ALA B 7 -3.18 13.88 -3.70
CA ALA B 7 -3.23 12.52 -4.19
C ALA B 7 -1.82 11.99 -4.34
N ARG B 8 -1.60 10.80 -3.81
CA ARG B 8 -0.30 10.17 -3.80
C ARG B 8 0.01 9.31 -5.00
N ILE B 9 1.26 9.42 -5.45
CA ILE B 9 1.72 8.71 -6.63
C ILE B 9 2.98 7.94 -6.32
N ASP B 10 3.33 7.87 -5.05
CA ASP B 10 4.57 7.29 -4.56
C ASP B 10 4.82 5.88 -5.08
N LEU B 11 6.05 5.65 -5.56
CA LEU B 11 6.58 4.33 -5.78
C LEU B 11 7.95 4.16 -5.14
N SER B 12 8.29 2.95 -4.73
CA SER B 12 9.56 2.72 -4.17
C SER B 12 10.69 3.10 -5.18
N ARG B 13 10.45 2.84 -6.46
CA ARG B 13 11.53 2.84 -7.49
C ARG B 13 11.95 4.21 -7.95
N ASP B 14 11.21 5.25 -7.66
CA ASP B 14 11.69 6.57 -7.98
C ASP B 14 11.22 7.54 -6.92
N ASP B 15 11.67 8.79 -7.02
CA ASP B 15 11.28 9.81 -6.05
C ASP B 15 10.49 10.88 -6.72
N LEU B 16 9.69 10.52 -7.70
CA LEU B 16 8.92 11.55 -8.41
C LEU B 16 8.06 12.32 -7.47
N ASP B 17 7.55 11.64 -6.44
CA ASP B 17 6.65 12.27 -5.47
C ASP B 17 7.33 13.44 -4.77
N LYS B 18 8.62 13.34 -4.48
CA LYS B 18 9.33 14.43 -3.81
C LYS B 18 9.52 15.57 -4.78
N ARG B 19 9.80 15.28 -6.03
CA ARG B 19 10.05 16.32 -7.01
C ARG B 19 8.84 17.09 -7.44
N ILE B 20 7.64 16.55 -7.25
CA ILE B 20 6.41 17.32 -7.50
C ILE B 20 5.83 17.94 -6.21
N GLY B 21 6.63 17.88 -5.13
CA GLY B 21 6.28 18.50 -3.86
C GLY B 21 5.49 17.65 -2.88
N GLY B 22 5.37 16.33 -3.09
CA GLY B 22 4.64 15.43 -2.18
C GLY B 22 3.53 14.60 -2.82
N GLY B 23 2.90 15.13 -3.86
CA GLY B 23 1.80 14.47 -4.55
C GLY B 23 1.17 15.44 -5.54
N ILE B 24 0.09 15.03 -6.16
CA ILE B 24 -0.62 15.84 -7.11
C ILE B 24 -1.81 16.39 -6.35
N PRO B 25 -1.98 17.71 -6.36
CA PRO B 25 -3.19 18.25 -5.71
C PRO B 25 -4.50 17.77 -6.36
N HIS B 26 -5.44 17.38 -5.51
CA HIS B 26 -6.82 17.13 -5.91
C HIS B 26 -7.36 18.35 -6.63
N GLY B 27 -8.19 18.12 -7.66
CA GLY B 27 -8.66 19.20 -8.49
C GLY B 27 -7.64 19.72 -9.53
N SER B 28 -6.56 18.99 -9.80
CA SER B 28 -5.60 19.45 -10.78
C SER B 28 -6.06 19.11 -12.21
N LEU B 29 -5.82 20.06 -13.12
CA LEU B 29 -5.81 19.80 -14.54
C LEU B 29 -4.37 19.91 -15.04
N ILE B 30 -3.81 18.76 -15.37
CA ILE B 30 -2.43 18.67 -15.76
C ILE B 30 -2.41 18.57 -17.27
N ILE B 31 -1.66 19.47 -17.89
CA ILE B 31 -1.45 19.41 -19.33
C ILE B 31 0.00 19.03 -19.62
N ILE B 32 0.19 17.96 -20.36
CA ILE B 32 1.51 17.55 -20.75
C ILE B 32 1.67 17.79 -22.22
N GLU B 33 2.48 18.80 -22.57
CA GLU B 33 2.56 19.30 -23.95
C GLU B 33 3.97 19.10 -24.50
N GLY B 34 4.05 18.47 -25.66
CA GLY B 34 5.32 18.23 -26.29
C GLY B 34 5.11 17.44 -27.57
N GLU B 35 6.14 17.42 -28.42
CA GLU B 35 6.06 16.72 -29.69
C GLU B 35 6.08 15.21 -29.55
N GLU B 36 5.84 14.52 -30.67
CA GLU B 36 5.86 13.06 -30.69
C GLU B 36 7.20 12.60 -30.13
N SER B 37 7.17 11.48 -29.41
CA SER B 37 8.37 10.80 -28.94
C SER B 37 9.11 11.52 -27.83
N THR B 38 8.49 12.51 -27.19
CA THR B 38 9.12 13.23 -26.08
C THR B 38 8.73 12.67 -24.69
N GLY B 39 7.96 11.57 -24.65
CA GLY B 39 7.73 10.85 -23.40
C GLY B 39 6.42 11.15 -22.67
N LYS B 40 5.47 11.77 -23.35
CA LYS B 40 4.24 12.20 -22.69
C LYS B 40 3.44 10.98 -22.18
N SER B 41 3.35 9.98 -23.05
CA SER B 41 2.60 8.75 -22.77
C SER B 41 3.23 8.02 -21.60
N VAL B 42 4.53 7.80 -21.66
CA VAL B 42 5.18 7.13 -20.56
C VAL B 42 4.99 7.86 -19.23
N LEU B 43 4.96 9.17 -19.27
CA LEU B 43 4.68 9.94 -18.07
C LEU B 43 3.26 9.70 -17.56
N CYS B 44 2.29 9.65 -18.46
CA CYS B 44 0.92 9.35 -18.06
C CYS B 44 0.84 7.97 -17.45
N GLN B 45 1.62 7.05 -18.01
CA GLN B 45 1.66 5.69 -17.56
C GLN B 45 2.24 5.58 -16.16
N ARG B 46 3.34 6.28 -15.91
CA ARG B 46 3.91 6.38 -14.55
C ARG B 46 2.92 6.95 -13.56
N LEU B 47 2.29 8.05 -13.94
CA LEU B 47 1.33 8.66 -13.01
C LEU B 47 0.15 7.68 -12.74
N ALA B 48 -0.40 7.08 -13.80
CA ALA B 48 -1.49 6.17 -13.65
C ALA B 48 -1.07 5.01 -12.72
N TYR B 49 0.10 4.40 -12.95
CA TYR B 49 0.52 3.31 -12.09
C TYR B 49 0.68 3.79 -10.63
N GLY B 50 1.26 4.98 -10.42
CA GLY B 50 1.34 5.58 -9.06
C GLY B 50 -0.04 5.72 -8.38
N PHE B 51 -0.96 6.38 -9.04
CA PHE B 51 -2.30 6.48 -8.49
C PHE B 51 -2.94 5.11 -8.13
N LEU B 52 -2.84 4.16 -9.07
CA LEU B 52 -3.45 2.87 -8.87
C LEU B 52 -2.87 2.15 -7.67
N GLN B 53 -1.55 2.21 -7.53
CA GLN B 53 -0.89 1.56 -6.41
C GLN B 53 -1.25 2.22 -5.09
N ASN B 54 -1.60 3.49 -5.11
CA ASN B 54 -1.95 4.20 -3.90
C ASN B 54 -3.48 4.26 -3.70
N ARG B 55 -4.20 3.35 -4.36
CA ARG B 55 -5.61 3.06 -4.07
C ARG B 55 -6.58 4.07 -4.65
N TYR B 56 -6.15 4.78 -5.68
CA TYR B 56 -7.08 5.55 -6.50
C TYR B 56 -7.53 4.74 -7.71
N SER B 57 -8.60 5.16 -8.32
CA SER B 57 -9.04 4.55 -9.58
C SER B 57 -8.67 5.47 -10.74
N VAL B 58 -8.48 4.91 -11.93
CA VAL B 58 -8.04 5.65 -13.09
C VAL B 58 -8.82 5.24 -14.33
N THR B 59 -9.20 6.24 -15.13
CA THR B 59 -9.65 6.01 -16.49
C THR B 59 -8.54 6.48 -17.42
N TYR B 60 -8.17 5.62 -18.37
CA TYR B 60 -7.15 5.94 -19.33
C TYR B 60 -7.75 5.81 -20.70
N VAL B 61 -7.87 6.96 -21.37
CA VAL B 61 -8.41 7.01 -22.71
C VAL B 61 -7.25 7.21 -23.65
N SER B 62 -7.03 6.26 -24.56
CA SER B 62 -5.88 6.27 -25.48
C SER B 62 -6.34 6.35 -26.90
N THR B 63 -5.79 7.31 -27.64
CA THR B 63 -5.96 7.39 -29.08
C THR B 63 -4.94 6.56 -29.83
N GLN B 64 -4.10 5.78 -29.15
CA GLN B 64 -2.98 5.09 -29.83
C GLN B 64 -2.88 3.58 -29.62
N LEU B 65 -3.21 3.07 -28.44
CA LEU B 65 -2.99 1.66 -28.15
C LEU B 65 -4.29 0.92 -27.82
N THR B 66 -4.42 -0.25 -28.44
CA THR B 66 -5.49 -1.19 -28.07
C THR B 66 -5.21 -1.62 -26.65
N THR B 67 -6.15 -2.33 -26.06
CA THR B 67 -5.98 -2.85 -24.75
C THR B 67 -4.75 -3.75 -24.72
N LEU B 68 -4.64 -4.65 -25.69
CA LEU B 68 -3.53 -5.60 -25.70
C LEU B 68 -2.17 -4.85 -25.73
N GLU B 69 -2.00 -3.94 -26.67
CA GLU B 69 -0.77 -3.16 -26.78
C GLU B 69 -0.49 -2.39 -25.48
N PHE B 70 -1.52 -1.84 -24.84
CA PHE B 70 -1.34 -1.18 -23.56
C PHE B 70 -0.84 -2.11 -22.44
N ILE B 71 -1.45 -3.28 -22.34
CA ILE B 71 -0.95 -4.27 -21.40
C ILE B 71 0.53 -4.64 -21.63
N LYS B 72 0.92 -4.83 -22.89
CA LYS B 72 2.32 -5.13 -23.21
C LYS B 72 3.22 -3.96 -22.89
N GLN B 73 2.77 -2.75 -23.22
CA GLN B 73 3.55 -1.58 -22.95
C GLN B 73 3.74 -1.41 -21.43
N ASN B 75 3.50 -3.76 -19.20
CA ASN B 75 4.32 -4.86 -18.69
C ASN B 75 5.79 -4.58 -18.97
N SER B 76 6.07 -3.95 -20.11
CA SER B 76 7.43 -3.68 -20.51
C SER B 76 8.10 -2.70 -19.57
N LEU B 77 7.32 -1.80 -18.99
CA LEU B 77 7.81 -0.86 -18.01
C LEU B 77 7.76 -1.36 -16.56
N ASN B 78 7.36 -2.61 -16.37
CA ASN B 78 7.12 -3.14 -15.04
C ASN B 78 6.08 -2.28 -14.31
N TYR B 79 5.09 -1.79 -15.03
CA TYR B 79 3.98 -1.13 -14.43
C TYR B 79 2.76 -2.02 -14.72
N SER B 80 2.84 -3.33 -14.46
CA SER B 80 1.77 -4.20 -14.97
C SER B 80 0.42 -3.95 -14.24
N ILE B 81 -0.64 -3.91 -15.02
CA ILE B 81 -1.94 -3.46 -14.49
C ILE B 81 -3.09 -4.44 -14.74
N ASN B 82 -2.76 -5.71 -14.89
CA ASN B 82 -3.70 -6.76 -15.19
C ASN B 82 -4.78 -6.90 -14.15
N LYS B 83 -4.38 -6.98 -12.90
CA LYS B 83 -5.37 -7.05 -11.81
C LYS B 83 -6.27 -5.82 -11.67
N LYS B 84 -5.72 -4.66 -11.97
CA LYS B 84 -6.46 -3.42 -11.83
C LYS B 84 -7.48 -3.35 -12.94
N LEU B 85 -7.14 -3.90 -14.13
CA LEU B 85 -8.11 -4.03 -15.21
C LEU B 85 -9.26 -4.96 -14.86
N LEU B 86 -8.93 -6.11 -14.29
CA LEU B 86 -9.93 -7.12 -14.00
C LEU B 86 -10.92 -6.67 -12.93
N SER B 87 -10.51 -5.81 -12.03
CA SER B 87 -11.39 -5.32 -10.95
C SER B 87 -12.17 -4.07 -11.36
N GLY B 88 -11.81 -3.50 -12.50
CA GLY B 88 -12.33 -2.21 -12.90
C GLY B 88 -11.68 -1.00 -12.21
N ALA B 89 -10.75 -1.23 -11.30
CA ALA B 89 -9.93 -0.15 -10.78
C ALA B 89 -9.34 0.70 -11.89
N LEU B 90 -8.91 0.03 -12.96
CA LEU B 90 -8.41 0.74 -14.17
C LEU B 90 -9.40 0.51 -15.31
N LEU B 91 -9.93 1.61 -15.85
CA LEU B 91 -10.84 1.55 -16.96
C LEU B 91 -10.04 2.09 -18.12
N TYR B 92 -9.77 1.20 -19.07
CA TYR B 92 -9.01 1.54 -20.25
C TYR B 92 -9.91 1.65 -21.48
N ILE B 93 -9.80 2.77 -22.18
CA ILE B 93 -10.69 3.13 -23.27
C ILE B 93 -9.90 3.34 -24.52
N PRO B 94 -9.80 2.31 -25.36
CA PRO B 94 -9.13 2.55 -26.65
C PRO B 94 -10.06 3.23 -27.63
N VAL B 95 -9.59 4.34 -28.22
CA VAL B 95 -10.39 5.06 -29.23
C VAL B 95 -10.12 4.45 -30.61
N TYR B 96 -10.83 3.34 -30.91
CA TYR B 96 -10.52 2.50 -32.09
C TYR B 96 -10.45 3.24 -33.41
N PRO B 97 -11.38 4.17 -33.65
CA PRO B 97 -11.31 4.87 -34.96
C PRO B 97 -10.04 5.69 -35.17
N LEU B 98 -9.45 6.25 -34.11
CA LEU B 98 -8.18 6.97 -34.25
C LEU B 98 -7.00 6.03 -34.27
N ILE B 99 -7.08 4.91 -33.53
CA ILE B 99 -6.07 3.85 -33.53
C ILE B 99 -6.01 3.18 -34.93
N ALA B 100 -7.15 2.80 -35.45
CA ALA B 100 -7.29 2.15 -36.77
C ALA B 100 -7.06 3.09 -37.96
N ASP B 101 -7.45 4.35 -37.80
CA ASP B 101 -7.22 5.32 -38.86
C ASP B 101 -6.83 6.66 -38.24
N ASN B 102 -5.55 6.96 -38.37
CA ASN B 102 -4.93 8.11 -37.74
C ASN B 102 -5.80 9.39 -37.85
N LYS B 103 -6.37 9.63 -39.02
CA LYS B 103 -7.15 10.89 -39.23
C LYS B 103 -8.65 10.70 -39.53
N LYS B 104 -9.25 9.65 -38.99
CA LYS B 104 -10.69 9.50 -39.07
C LYS B 104 -11.29 10.66 -38.29
N LYS B 105 -12.45 11.12 -38.74
CA LYS B 105 -13.15 12.29 -38.15
C LYS B 105 -14.54 11.97 -37.56
N ASP B 106 -14.91 12.64 -36.46
CA ASP B 106 -16.12 12.24 -35.72
C ASP B 106 -16.43 13.19 -34.53
N GLY B 107 -17.60 13.04 -33.91
CA GLY B 107 -17.96 13.74 -32.68
C GLY B 107 -17.25 13.15 -31.45
N PHE B 108 -15.93 13.25 -31.45
CA PHE B 108 -15.12 12.73 -30.36
C PHE B 108 -15.41 13.45 -29.07
N LEU B 109 -15.48 14.77 -29.16
CA LEU B 109 -15.66 15.59 -27.97
C LEU B 109 -17.04 15.42 -27.30
N LYS B 110 -18.09 15.19 -28.10
CA LYS B 110 -19.41 14.79 -27.57
C LYS B 110 -19.30 13.49 -26.75
N LYS B 111 -18.69 12.48 -27.35
CA LYS B 111 -18.44 11.19 -26.69
C LYS B 111 -17.64 11.34 -25.37
N VAL B 112 -16.61 12.17 -25.39
CA VAL B 112 -15.82 12.54 -24.20
C VAL B 112 -16.62 13.25 -23.09
N GLU B 114 -19.87 13.28 -22.61
CA GLU B 114 -21.14 12.67 -22.27
C GLU B 114 -21.00 11.39 -21.48
N THR B 115 -19.87 10.70 -21.59
CA THR B 115 -19.74 9.33 -21.06
C THR B 115 -19.41 9.36 -19.57
N ARG B 116 -20.46 9.16 -18.76
CA ARG B 116 -20.37 9.30 -17.30
C ARG B 116 -19.41 8.29 -16.69
N ALA B 117 -19.27 7.10 -17.31
CA ALA B 117 -18.39 6.06 -16.80
C ALA B 117 -16.96 6.55 -16.57
N PHE B 118 -16.45 7.38 -17.46
CA PHE B 118 -15.08 7.84 -17.37
C PHE B 118 -14.87 8.54 -16.03
N TYR B 119 -15.86 9.33 -15.61
CA TYR B 119 -15.71 10.28 -14.50
C TYR B 119 -16.14 9.73 -13.15
N GLU B 120 -16.50 8.46 -13.14
CA GLU B 120 -16.66 7.77 -11.89
C GLU B 120 -15.29 7.52 -11.24
N LYS B 121 -14.19 7.58 -11.99
CA LYS B 121 -12.92 7.30 -11.39
C LYS B 121 -12.32 8.55 -10.78
N ASP B 122 -11.26 8.38 -10.00
CA ASP B 122 -10.59 9.54 -9.35
C ASP B 122 -9.78 10.37 -10.31
N VAL B 123 -9.20 9.71 -11.32
CA VAL B 123 -8.24 10.34 -12.20
C VAL B 123 -8.62 9.94 -13.61
N ILE B 124 -8.71 10.92 -14.51
CA ILE B 124 -9.05 10.63 -15.90
C ILE B 124 -7.93 11.15 -16.82
N ILE B 125 -7.41 10.27 -17.68
CA ILE B 125 -6.25 10.55 -18.50
C ILE B 125 -6.66 10.51 -19.98
N PHE B 126 -6.36 11.57 -20.74
CA PHE B 126 -6.63 11.58 -22.17
C PHE B 126 -5.32 11.72 -22.90
N ASP B 127 -4.90 10.64 -23.52
CA ASP B 127 -3.65 10.56 -24.24
C ASP B 127 -4.01 10.03 -25.63
N SER B 128 -4.39 10.89 -26.58
CA SER B 128 -4.11 12.32 -26.64
C SER B 128 -5.39 13.13 -26.69
N ILE B 129 -5.46 14.22 -25.92
CA ILE B 129 -6.59 15.12 -26.06
C ILE B 129 -6.43 15.93 -27.35
N SER B 130 -5.18 16.23 -27.75
CA SER B 130 -4.96 17.00 -28.99
C SER B 130 -5.46 16.26 -30.23
N ALA B 131 -5.27 14.95 -30.30
CA ALA B 131 -5.84 14.17 -31.41
C ALA B 131 -7.37 14.22 -31.41
N LEU B 132 -7.99 14.15 -30.23
CA LEU B 132 -9.45 14.14 -30.13
C LEU B 132 -10.07 15.47 -30.55
N ILE B 133 -9.40 16.56 -30.19
CA ILE B 133 -9.86 17.88 -30.60
C ILE B 133 -9.66 18.03 -32.12
N ALA B 134 -8.43 17.79 -32.57
CA ALA B 134 -8.05 18.03 -33.96
C ALA B 134 -8.92 17.24 -34.93
N ASN B 135 -9.42 16.08 -34.53
CA ASN B 135 -10.25 15.27 -35.42
C ASN B 135 -11.72 15.31 -35.07
N ASP B 136 -12.12 16.22 -34.20
CA ASP B 136 -13.52 16.40 -33.88
C ASP B 136 -14.25 17.06 -35.04
N ALA B 137 -15.51 16.68 -35.24
CA ALA B 137 -16.31 17.23 -36.34
C ALA B 137 -17.52 18.08 -35.88
N SER B 138 -17.46 18.63 -34.65
CA SER B 138 -18.58 19.23 -33.92
C SER B 138 -18.52 20.77 -33.75
N GLU B 139 -19.59 21.30 -33.18
CA GLU B 139 -19.69 22.66 -32.70
C GLU B 139 -18.71 22.90 -31.58
N VAL B 140 -18.59 21.89 -30.75
CA VAL B 140 -17.88 21.95 -29.51
C VAL B 140 -16.52 22.56 -29.73
N ASN B 141 -16.22 23.63 -28.97
CA ASN B 141 -14.89 24.22 -28.96
C ASN B 141 -14.14 24.03 -27.64
N VAL B 142 -12.89 24.47 -27.65
CA VAL B 142 -11.92 24.26 -26.55
C VAL B 142 -12.35 24.91 -25.22
N ASP B 143 -12.86 26.14 -25.27
CA ASP B 143 -13.37 26.80 -24.07
C ASP B 143 -14.45 25.98 -23.37
N ASP B 144 -15.29 25.32 -24.19
CA ASP B 144 -16.35 24.46 -23.67
C ASP B 144 -15.80 23.22 -23.02
N LEU B 145 -14.82 22.62 -23.70
CA LEU B 145 -14.18 21.46 -23.17
C LEU B 145 -13.47 21.83 -21.87
N ALA B 147 -14.07 24.34 -19.78
CA ALA B 147 -15.09 24.58 -18.76
C ALA B 147 -15.64 23.27 -18.18
N PHE B 148 -15.82 22.26 -19.03
CA PHE B 148 -16.31 20.95 -18.58
C PHE B 148 -15.26 20.28 -17.66
N PHE B 149 -14.00 20.26 -18.08
CA PHE B 149 -12.91 19.76 -17.22
C PHE B 149 -12.82 20.48 -15.87
N LYS B 150 -12.95 21.82 -15.87
CA LYS B 150 -12.99 22.63 -14.63
C LYS B 150 -14.10 22.25 -13.65
N ARG B 151 -15.24 21.86 -14.21
CA ARG B 151 -16.38 21.43 -13.41
C ARG B 151 -16.05 20.09 -12.76
N ILE B 152 -15.41 19.21 -13.51
CA ILE B 152 -15.06 17.89 -12.99
C ILE B 152 -13.94 17.99 -11.95
N THR B 153 -12.91 18.79 -12.23
CA THR B 153 -11.83 18.98 -11.24
C THR B 153 -12.36 19.69 -9.99
N ALA B 154 -13.41 20.50 -10.11
CA ALA B 154 -14.05 21.10 -8.94
C ALA B 154 -14.65 20.03 -8.01
N LEU B 155 -14.89 18.82 -8.53
CA LEU B 155 -15.30 17.68 -7.69
C LEU B 155 -14.11 16.95 -7.08
N LYS B 156 -12.91 17.55 -7.13
CA LYS B 156 -11.71 16.97 -6.51
C LYS B 156 -11.07 15.88 -7.35
N LYS B 157 -11.65 15.60 -8.50
CA LYS B 157 -11.03 14.72 -9.48
C LYS B 157 -9.80 15.39 -10.05
N ILE B 158 -8.98 14.54 -10.67
CA ILE B 158 -7.80 14.98 -11.35
C ILE B 158 -7.94 14.62 -12.82
N ILE B 159 -7.65 15.57 -13.71
CA ILE B 159 -7.63 15.30 -15.15
C ILE B 159 -6.22 15.55 -15.76
N ILE B 160 -5.78 14.65 -16.64
CA ILE B 160 -4.44 14.72 -17.22
C ILE B 160 -4.59 14.51 -18.72
N CYS B 161 -4.12 15.48 -19.52
CA CYS B 161 -4.15 15.36 -20.98
C CYS B 161 -2.78 15.52 -21.58
N THR B 162 -2.52 14.79 -22.66
CA THR B 162 -1.34 15.05 -23.44
C THR B 162 -1.74 15.83 -24.69
N VAL B 163 -0.85 16.70 -25.10
CA VAL B 163 -1.07 17.61 -26.20
C VAL B 163 0.16 17.56 -27.11
N ASN B 164 -0.04 17.22 -28.38
CA ASN B 164 1.01 17.38 -29.37
C ASN B 164 0.79 18.72 -30.09
N PRO B 165 1.68 19.70 -29.88
CA PRO B 165 1.39 21.03 -30.44
C PRO B 165 1.31 21.08 -31.96
N LYS B 166 1.86 20.06 -32.62
CA LYS B 166 1.83 19.92 -34.08
C LYS B 166 0.44 19.61 -34.63
N GLU B 167 -0.51 19.36 -33.74
CA GLU B 167 -1.82 18.91 -34.14
C GLU B 167 -2.83 20.04 -34.02
N LEU B 168 -2.48 21.12 -33.32
CA LEU B 168 -3.41 22.22 -33.07
C LEU B 168 -2.77 23.57 -33.33
N PRO B 169 -3.59 24.56 -33.79
CA PRO B 169 -3.11 25.95 -33.85
C PRO B 169 -2.82 26.55 -32.47
N GLU B 170 -1.93 27.55 -32.50
CA GLU B 170 -1.43 28.24 -31.32
C GLU B 170 -2.57 28.91 -30.57
N SER B 171 -3.58 29.36 -31.29
CA SER B 171 -4.75 29.96 -30.67
C SER B 171 -5.37 29.01 -29.64
N VAL B 172 -5.56 27.74 -30.04
CA VAL B 172 -6.19 26.76 -29.12
C VAL B 172 -5.22 26.32 -27.99
N LEU B 173 -3.94 26.15 -28.33
CA LEU B 173 -2.93 25.75 -27.35
C LEU B 173 -2.84 26.75 -26.17
N THR B 174 -2.73 28.05 -26.49
CA THR B 174 -2.70 29.11 -25.46
C THR B 174 -3.89 29.02 -24.48
N ILE B 175 -5.07 28.60 -24.96
CA ILE B 175 -6.24 28.45 -24.07
C ILE B 175 -6.10 27.24 -23.13
N ILE B 176 -5.64 26.13 -23.68
CA ILE B 176 -5.45 24.96 -22.88
C ILE B 176 -4.43 25.29 -21.79
N ARG B 177 -3.36 25.97 -22.16
CA ARG B 177 -2.27 26.29 -21.21
C ARG B 177 -2.73 27.17 -20.08
N THR B 178 -3.49 28.22 -20.41
CA THR B 178 -3.94 29.15 -19.38
C THR B 178 -4.93 28.37 -18.49
N SER B 179 -5.65 27.42 -19.08
CA SER B 179 -6.63 26.62 -18.33
C SER B 179 -5.99 25.52 -17.42
N ALA B 180 -4.77 25.07 -17.76
CA ALA B 180 -4.02 24.10 -16.94
C ALA B 180 -3.78 24.61 -15.52
N THR B 181 -3.92 23.77 -14.51
CA THR B 181 -3.39 24.13 -13.19
C THR B 181 -1.91 23.71 -13.08
N LEU B 183 1.18 22.72 -15.72
CA LEU B 183 1.61 22.61 -17.09
C LEU B 183 3.03 22.08 -17.15
N ILE B 184 3.18 20.99 -17.88
CA ILE B 184 4.46 20.34 -18.02
C ILE B 184 4.79 20.23 -19.50
N ARG B 185 5.97 20.70 -19.86
CA ARG B 185 6.40 20.58 -21.24
C ARG B 185 7.51 19.58 -21.37
N THR B 186 7.39 18.69 -22.35
CA THR B 186 8.35 17.63 -22.58
C THR B 186 9.15 17.86 -23.86
N GLU B 187 10.44 17.56 -23.82
CA GLU B 187 11.32 17.55 -25.00
C GLU B 187 12.36 16.45 -24.89
N LEU B 188 13.03 16.22 -26.01
CA LEU B 188 14.20 15.36 -26.05
C LEU B 188 15.43 16.24 -26.05
N PHE B 189 16.50 15.76 -25.45
CA PHE B 189 17.79 16.39 -25.58
C PHE B 189 18.84 15.31 -25.39
N THR B 190 20.05 15.61 -25.82
CA THR B 190 21.09 14.62 -25.82
C THR B 190 22.30 15.04 -25.02
N PHE B 191 22.69 14.18 -24.08
CA PHE B 191 23.85 14.43 -23.26
C PHE B 191 24.76 13.20 -23.09
N GLY B 192 26.04 13.38 -23.38
CA GLY B 192 26.98 12.26 -23.44
C GLY B 192 26.64 11.30 -24.55
N GLY B 193 26.10 11.80 -25.66
CA GLY B 193 25.62 10.93 -26.73
C GLY B 193 24.42 10.07 -26.34
N ASP B 194 23.81 10.35 -25.19
CA ASP B 194 22.61 9.65 -24.75
C ASP B 194 21.39 10.55 -24.81
N LEU B 195 20.31 10.05 -25.42
CA LEU B 195 19.11 10.83 -25.62
C LEU B 195 18.18 10.70 -24.40
N LYS B 196 17.66 11.81 -23.90
CA LYS B 196 16.93 11.85 -22.64
C LYS B 196 15.72 12.69 -22.83
N ASN B 197 14.75 12.49 -21.95
CA ASN B 197 13.56 13.31 -21.90
C ASN B 197 13.73 14.37 -20.82
N LEU B 198 13.20 15.54 -21.07
CA LEU B 198 13.13 16.55 -20.02
C LEU B 198 11.69 16.92 -19.92
N ALA B 199 11.18 16.92 -18.69
CA ALA B 199 9.86 17.40 -18.37
C ALA B 199 10.01 18.64 -17.50
N LYS B 200 9.56 19.76 -18.00
CA LYS B 200 9.73 20.99 -17.26
C LYS B 200 8.37 21.49 -16.80
N ILE B 201 8.30 21.84 -15.53
CA ILE B 201 7.06 22.25 -14.93
C ILE B 201 6.98 23.74 -15.08
N LEU B 202 6.25 24.18 -16.10
CA LEU B 202 6.17 25.59 -16.40
C LEU B 202 5.25 26.29 -15.44
N LYS B 203 4.34 25.57 -14.83
CA LYS B 203 3.33 26.19 -14.00
C LYS B 203 2.78 25.14 -13.08
N TYR B 204 2.48 25.52 -11.85
CA TYR B 204 2.01 24.56 -10.86
C TYR B 204 1.17 25.25 -9.82
N ASN B 205 -0.10 25.49 -10.13
CA ASN B 205 -1.02 26.04 -9.15
C ASN B 205 -1.25 25.02 -8.06
N ALA B 207 0.72 24.22 -5.81
CA ALA B 207 1.94 23.45 -5.60
C ALA B 207 1.98 23.16 -4.12
N PRO B 208 2.00 21.88 -3.76
CA PRO B 208 1.88 21.46 -2.37
C PRO B 208 3.14 21.57 -1.56
N GLY B 209 4.25 21.95 -2.19
CA GLY B 209 5.50 22.12 -1.48
C GLY B 209 6.59 22.57 -2.44
N SER B 210 7.82 22.57 -1.94
CA SER B 210 8.99 22.80 -2.76
C SER B 210 9.06 21.72 -3.84
N TYR B 211 9.34 22.10 -5.08
CA TYR B 211 9.35 21.12 -6.18
C TYR B 211 10.47 21.42 -7.16
N GLN B 212 10.84 20.42 -7.95
CA GLN B 212 11.87 20.59 -8.98
C GLN B 212 11.25 21.02 -10.29
N LYS B 213 11.80 22.06 -10.87
CA LYS B 213 11.29 22.58 -12.13
C LYS B 213 11.64 21.70 -13.34
N ASN B 214 12.84 21.16 -13.34
CA ASN B 214 13.32 20.34 -14.43
C ASN B 214 13.41 18.93 -14.01
N ILE B 215 12.78 18.04 -14.74
CA ILE B 215 12.88 16.64 -14.39
C ILE B 215 13.42 15.85 -15.58
N VAL B 216 14.63 15.37 -15.45
CA VAL B 216 15.22 14.61 -16.52
C VAL B 216 14.94 13.17 -16.28
N PHE B 217 14.62 12.46 -17.36
CA PHE B 217 14.48 11.01 -17.30
C PHE B 217 14.74 10.33 -18.64
N ARG B 218 14.90 9.03 -18.57
CA ARG B 218 14.94 8.18 -19.75
C ARG B 218 13.94 7.07 -19.47
N VAL B 219 13.47 6.43 -20.51
CA VAL B 219 12.52 5.36 -20.34
C VAL B 219 13.29 4.07 -20.34
N GLU B 220 13.17 3.30 -19.26
CA GLU B 220 14.00 2.13 -19.08
C GLU B 220 13.17 0.86 -19.00
N PRO B 221 13.66 -0.24 -19.65
CA PRO B 221 13.01 -1.56 -19.51
C PRO B 221 12.79 -1.99 -18.06
N LYS B 222 11.55 -2.35 -17.71
CA LYS B 222 11.17 -2.87 -16.35
C LYS B 222 11.43 -1.91 -15.19
N ILE B 223 11.58 -0.65 -15.55
CA ILE B 223 11.62 0.43 -14.60
C ILE B 223 10.52 1.42 -14.98
N GLY B 224 10.52 1.80 -16.24
CA GLY B 224 9.65 2.86 -16.71
C GLY B 224 10.49 4.14 -16.76
N ILE B 225 9.89 5.21 -16.28
CA ILE B 225 10.56 6.45 -16.06
C ILE B 225 11.65 6.24 -15.01
N ALA B 226 12.90 6.43 -15.50
CA ALA B 226 14.08 6.39 -14.65
C ALA B 226 14.50 7.82 -14.51
N VAL B 227 14.19 8.40 -13.36
CA VAL B 227 14.45 9.78 -13.08
C VAL B 227 15.93 9.90 -12.73
N GLU B 228 16.60 10.89 -13.28
CA GLU B 228 17.95 11.16 -12.84
C GLU B 228 18.05 11.95 -11.58
N ILE B 229 19.11 11.64 -10.84
CA ILE B 229 19.53 12.33 -9.66
C ILE B 229 19.40 13.81 -9.93
N ALA B 230 18.80 14.55 -9.02
CA ALA B 230 19.04 16.00 -8.97
C ALA B 230 20.41 16.17 -8.36
N SER B 231 20.54 15.62 -7.16
CA SER B 231 21.62 15.97 -6.25
C SER B 231 22.18 14.71 -5.59
N VAL B 232 23.48 14.73 -5.34
CA VAL B 232 24.17 13.64 -4.76
C VAL B 232 24.29 13.93 -3.30
N ALA B 233 23.75 13.01 -2.52
CA ALA B 233 23.75 13.08 -1.07
C ALA B 233 25.17 12.82 -0.62
N GLU C 5 -7.37 7.71 15.01
CA GLU C 5 -8.54 6.90 15.37
C GLU C 5 -9.31 6.27 14.18
N LEU C 6 -8.83 6.39 12.93
CA LEU C 6 -9.55 5.83 11.76
C LEU C 6 -8.83 4.67 11.09
N ALA C 7 -9.46 3.51 11.04
CA ALA C 7 -8.89 2.39 10.28
C ALA C 7 -9.31 2.48 8.84
N ARG C 8 -8.35 2.34 7.94
CA ARG C 8 -8.58 2.50 6.50
C ARG C 8 -8.98 1.23 5.80
N ILE C 9 -9.91 1.37 4.87
CA ILE C 9 -10.43 0.28 4.08
C ILE C 9 -10.39 0.56 2.59
N ASP C 10 -9.66 1.58 2.21
CA ASP C 10 -9.59 2.09 0.82
C ASP C 10 -9.16 1.07 -0.18
N LEU C 11 -9.89 1.03 -1.28
CA LEU C 11 -9.51 0.30 -2.47
C LEU C 11 -9.64 1.14 -3.73
N SER C 12 -8.83 0.82 -4.74
CA SER C 12 -8.87 1.59 -6.00
C SER C 12 -10.26 1.48 -6.61
N ARG C 13 -10.85 0.28 -6.51
CA ARG C 13 -11.99 -0.09 -7.33
C ARG C 13 -13.33 0.48 -6.82
N ASP C 14 -13.41 1.02 -5.61
CA ASP C 14 -14.65 1.67 -5.20
C ASP C 14 -14.35 2.85 -4.29
N ASP C 15 -15.37 3.61 -3.96
CA ASP C 15 -15.22 4.74 -3.01
C ASP C 15 -16.01 4.49 -1.69
N LEU C 16 -16.08 3.25 -1.26
CA LEU C 16 -16.78 2.96 0.00
C LEU C 16 -16.20 3.73 1.19
N ASP C 17 -14.88 3.96 1.19
CA ASP C 17 -14.25 4.73 2.24
C ASP C 17 -14.83 6.13 2.38
N LYS C 18 -15.19 6.77 1.27
CA LYS C 18 -15.76 8.13 1.35
C LYS C 18 -17.14 8.08 1.95
N ARG C 19 -17.89 7.08 1.57
CA ARG C 19 -19.29 7.01 1.98
C ARG C 19 -19.51 6.59 3.42
N ILE C 20 -18.51 5.98 4.04
CA ILE C 20 -18.55 5.74 5.48
C ILE C 20 -17.85 6.80 6.30
N GLY C 21 -17.49 7.90 5.61
CA GLY C 21 -16.91 9.06 6.25
C GLY C 21 -15.38 9.07 6.37
N GLY C 22 -14.67 8.18 5.67
CA GLY C 22 -13.18 8.18 5.65
C GLY C 22 -12.53 6.86 6.04
N GLY C 23 -13.22 6.09 6.86
CA GLY C 23 -12.73 4.82 7.37
C GLY C 23 -13.68 4.33 8.47
N ILE C 24 -13.27 3.28 9.16
CA ILE C 24 -14.03 2.72 10.24
C ILE C 24 -13.34 3.13 11.50
N PRO C 25 -14.10 3.67 12.48
CA PRO C 25 -13.41 4.13 13.69
C PRO C 25 -12.91 2.98 14.50
N HIS C 26 -11.68 3.13 14.99
CA HIS C 26 -11.15 2.24 15.97
C HIS C 26 -12.12 2.12 17.12
N GLY C 27 -12.22 0.95 17.70
CA GLY C 27 -13.13 0.75 18.78
C GLY C 27 -14.57 0.55 18.28
N SER C 28 -14.81 0.33 17.00
CA SER C 28 -16.14 0.16 16.53
C SER C 28 -16.63 -1.28 16.79
N LEU C 29 -17.90 -1.39 17.19
CA LEU C 29 -18.67 -2.62 17.08
C LEU C 29 -19.73 -2.42 15.99
N ILE C 30 -19.50 -3.07 14.86
CA ILE C 30 -20.35 -2.92 13.71
C ILE C 30 -21.26 -4.10 13.68
N ILE C 31 -22.56 -3.83 13.63
CA ILE C 31 -23.53 -4.90 13.45
C ILE C 31 -24.17 -4.79 12.09
N ILE C 32 -24.08 -5.86 11.31
CA ILE C 32 -24.70 -5.87 10.02
C ILE C 32 -25.88 -6.84 10.08
N GLU C 33 -27.09 -6.31 10.05
CA GLU C 33 -28.31 -7.08 10.31
C GLU C 33 -29.18 -7.08 9.06
N GLY C 34 -29.60 -8.24 8.64
CA GLY C 34 -30.46 -8.33 7.49
C GLY C 34 -30.71 -9.76 7.21
N GLU C 35 -31.72 -10.02 6.40
CA GLU C 35 -32.10 -11.37 6.09
C GLU C 35 -31.12 -12.08 5.13
N GLU C 36 -31.31 -13.37 4.92
CA GLU C 36 -30.48 -14.09 3.95
C GLU C 36 -30.43 -13.40 2.64
N SER C 37 -29.27 -13.49 1.97
CA SER C 37 -29.11 -13.00 0.58
C SER C 37 -29.19 -11.50 0.43
N THR C 38 -29.07 -10.75 1.51
CA THR C 38 -29.12 -9.31 1.43
C THR C 38 -27.68 -8.69 1.39
N GLY C 39 -26.62 -9.52 1.41
CA GLY C 39 -25.28 -9.01 1.12
C GLY C 39 -24.40 -8.82 2.34
N LYS C 40 -24.80 -9.38 3.48
CA LYS C 40 -24.02 -9.19 4.69
C LYS C 40 -22.58 -9.72 4.59
N SER C 41 -22.48 -10.95 4.12
CA SER C 41 -21.21 -11.65 4.03
C SER C 41 -20.27 -10.89 3.05
N VAL C 42 -20.78 -10.57 1.87
CA VAL C 42 -19.97 -9.88 0.91
C VAL C 42 -19.47 -8.56 1.49
N LEU C 43 -20.30 -7.91 2.28
CA LEU C 43 -19.90 -6.70 2.93
C LEU C 43 -18.74 -6.94 3.90
N CYS C 44 -18.84 -8.00 4.69
CA CYS C 44 -17.78 -8.36 5.59
C CYS C 44 -16.50 -8.64 4.79
N GLN C 45 -16.67 -9.25 3.65
CA GLN C 45 -15.57 -9.65 2.81
C GLN C 45 -14.85 -8.43 2.19
N ARG C 46 -15.61 -7.47 1.65
CA ARG C 46 -15.08 -6.21 1.21
C ARG C 46 -14.36 -5.49 2.32
N LEU C 47 -14.96 -5.40 3.50
CA LEU C 47 -14.28 -4.74 4.60
C LEU C 47 -12.99 -5.50 4.98
N ALA C 48 -13.05 -6.84 5.13
CA ALA C 48 -11.86 -7.60 5.44
C ALA C 48 -10.74 -7.36 4.40
N TYR C 49 -11.05 -7.41 3.12
CA TYR C 49 -10.07 -7.17 2.09
C TYR C 49 -9.49 -5.79 2.17
N GLY C 50 -10.33 -4.78 2.37
CA GLY C 50 -9.85 -3.40 2.58
C GLY C 50 -8.86 -3.30 3.71
N PHE C 51 -9.27 -3.75 4.89
CA PHE C 51 -8.33 -3.75 6.00
C PHE C 51 -6.98 -4.44 5.62
N LEU C 52 -7.06 -5.63 5.05
CA LEU C 52 -5.86 -6.44 4.83
C LEU C 52 -4.93 -5.74 3.84
N GLN C 53 -5.51 -5.11 2.84
CA GLN C 53 -4.73 -4.35 1.88
C GLN C 53 -4.12 -3.13 2.52
N ASN C 54 -4.74 -2.56 3.55
CA ASN C 54 -4.16 -1.40 4.21
C ASN C 54 -3.28 -1.77 5.38
N ARG C 55 -2.84 -3.02 5.46
CA ARG C 55 -1.82 -3.51 6.42
C ARG C 55 -2.36 -3.75 7.83
N TYR C 56 -3.66 -3.96 7.94
CA TYR C 56 -4.26 -4.43 9.19
C TYR C 56 -4.35 -5.98 9.17
N SER C 57 -4.45 -6.59 10.34
CA SER C 57 -4.66 -8.05 10.44
C SER C 57 -6.12 -8.26 10.75
N VAL C 58 -6.65 -9.38 10.32
CA VAL C 58 -8.08 -9.69 10.45
C VAL C 58 -8.27 -11.12 10.92
N THR C 59 -9.19 -11.33 11.86
CA THR C 59 -9.71 -12.65 12.17
C THR C 59 -11.10 -12.73 11.58
N TYR C 60 -11.37 -13.76 10.81
CA TYR C 60 -12.67 -13.94 10.17
C TYR C 60 -13.24 -15.28 10.61
N VAL C 61 -14.31 -15.24 11.40
CA VAL C 61 -14.92 -16.45 12.01
C VAL C 61 -16.18 -16.67 11.24
N SER C 62 -16.24 -17.78 10.50
CA SER C 62 -17.37 -18.04 9.61
C SER C 62 -18.13 -19.26 10.12
N THR C 63 -19.45 -19.10 10.27
CA THR C 63 -20.34 -20.23 10.50
C THR C 63 -20.84 -20.84 9.20
N GLN C 64 -20.29 -20.45 8.03
CA GLN C 64 -20.83 -20.91 6.72
C GLN C 64 -19.82 -21.58 5.77
N LEU C 65 -18.57 -21.12 5.71
CA LEU C 65 -17.62 -21.61 4.72
C LEU C 65 -16.37 -22.19 5.36
N THR C 66 -15.97 -23.33 4.86
CA THR C 66 -14.69 -23.94 5.19
C THR C 66 -13.65 -23.01 4.63
N THR C 67 -12.40 -23.27 4.99
CA THR C 67 -11.29 -22.47 4.47
C THR C 67 -11.27 -22.51 2.93
N LEU C 68 -11.41 -23.69 2.39
CA LEU C 68 -11.42 -23.82 0.92
C LEU C 68 -12.50 -22.96 0.25
N GLU C 69 -13.75 -23.12 0.71
CA GLU C 69 -14.88 -22.38 0.14
C GLU C 69 -14.73 -20.87 0.28
N PHE C 70 -14.19 -20.44 1.40
CA PHE C 70 -13.84 -19.01 1.55
C PHE C 70 -12.79 -18.52 0.53
N ILE C 71 -11.71 -19.29 0.38
CA ILE C 71 -10.69 -18.92 -0.65
C ILE C 71 -11.30 -18.80 -2.04
N LYS C 72 -12.18 -19.73 -2.41
CA LYS C 72 -12.85 -19.65 -3.71
C LYS C 72 -13.72 -18.45 -3.80
N GLN C 73 -14.47 -18.18 -2.71
CA GLN C 73 -15.41 -17.07 -2.72
C GLN C 73 -14.62 -15.76 -2.86
N ASN C 75 -11.65 -15.41 -4.02
CA ASN C 75 -11.03 -15.34 -5.34
C ASN C 75 -12.07 -14.95 -6.40
N SER C 76 -13.32 -15.38 -6.19
CA SER C 76 -14.38 -15.13 -7.17
C SER C 76 -14.68 -13.63 -7.25
N LEU C 77 -14.48 -12.92 -6.16
CA LEU C 77 -14.71 -11.46 -6.06
C LEU C 77 -13.43 -10.67 -6.37
N ASN C 78 -12.36 -11.37 -6.72
CA ASN C 78 -11.06 -10.70 -6.91
C ASN C 78 -10.63 -9.99 -5.62
N TYR C 79 -10.93 -10.60 -4.49
CA TYR C 79 -10.46 -10.13 -3.21
C TYR C 79 -9.57 -11.23 -2.70
N SER C 80 -8.65 -11.73 -3.51
CA SER C 80 -7.93 -12.95 -3.13
C SER C 80 -7.03 -12.74 -1.91
N ILE C 81 -7.02 -13.69 -1.01
CA ILE C 81 -6.35 -13.53 0.25
C ILE C 81 -5.41 -14.68 0.63
N ASN C 82 -4.93 -15.39 -0.38
CA ASN C 82 -3.98 -16.50 -0.19
C ASN C 82 -2.70 -16.10 0.52
N LYS C 83 -2.07 -15.05 0.06
CA LYS C 83 -0.87 -14.55 0.75
C LYS C 83 -1.08 -14.11 2.17
N LYS C 84 -2.26 -13.58 2.44
CA LYS C 84 -2.57 -13.12 3.76
C LYS C 84 -2.80 -14.29 4.67
N LEU C 85 -3.38 -15.35 4.15
CA LEU C 85 -3.54 -16.59 4.95
C LEU C 85 -2.23 -17.23 5.28
N LEU C 86 -1.36 -17.25 4.32
CA LEU C 86 -0.06 -17.90 4.50
C LEU C 86 0.80 -17.22 5.56
N SER C 87 0.65 -15.89 5.71
CA SER C 87 1.52 -15.14 6.61
C SER C 87 0.90 -15.11 7.99
N GLY C 88 -0.37 -15.55 8.09
CA GLY C 88 -1.15 -15.34 9.30
C GLY C 88 -1.78 -13.96 9.44
N ALA C 89 -1.50 -13.04 8.52
CA ALA C 89 -2.21 -11.78 8.49
C ALA C 89 -3.70 -11.97 8.62
N LEU C 90 -4.23 -12.95 7.88
CA LEU C 90 -5.65 -13.31 7.97
C LEU C 90 -5.76 -14.67 8.72
N LEU C 91 -6.47 -14.66 9.86
CA LEU C 91 -6.72 -15.85 10.62
C LEU C 91 -8.17 -16.18 10.34
N TYR C 92 -8.37 -17.27 9.63
CA TYR C 92 -9.69 -17.72 9.27
C TYR C 92 -10.12 -18.90 10.18
N ILE C 93 -11.28 -18.78 10.80
CA ILE C 93 -11.76 -19.76 11.78
C ILE C 93 -13.10 -20.32 11.29
N PRO C 94 -13.10 -21.43 10.60
CA PRO C 94 -14.39 -22.08 10.24
C PRO C 94 -15.03 -22.79 11.45
N VAL C 95 -16.29 -22.47 11.74
CA VAL C 95 -17.00 -23.13 12.84
C VAL C 95 -17.67 -24.40 12.33
N TYR C 96 -16.89 -25.48 12.25
CA TYR C 96 -17.32 -26.72 11.56
C TYR C 96 -18.69 -27.25 11.99
N PRO C 97 -18.93 -27.26 13.31
CA PRO C 97 -20.25 -27.81 13.72
C PRO C 97 -21.46 -27.00 13.19
N LEU C 98 -21.33 -25.70 12.93
CA LEU C 98 -22.42 -24.93 12.26
C LEU C 98 -22.40 -24.93 10.74
N ILE C 99 -21.21 -25.10 10.18
CA ILE C 99 -21.03 -25.34 8.75
C ILE C 99 -21.67 -26.65 8.39
N ALA C 100 -21.33 -27.69 9.15
CA ALA C 100 -21.84 -29.06 8.94
C ALA C 100 -23.27 -29.09 9.42
N ASP C 101 -24.21 -29.56 8.62
CA ASP C 101 -25.58 -29.37 9.08
C ASP C 101 -25.98 -30.17 10.32
N ASN C 102 -25.01 -30.84 10.91
CA ASN C 102 -25.17 -31.51 12.18
C ASN C 102 -25.57 -30.45 13.20
N LYS C 103 -25.06 -29.25 13.02
CA LYS C 103 -25.61 -28.04 13.67
C LYS C 103 -25.62 -28.04 15.21
N LYS C 104 -24.71 -28.79 15.83
CA LYS C 104 -24.95 -29.22 17.21
C LYS C 104 -24.92 -28.05 18.20
N LYS C 105 -25.81 -28.08 19.18
CA LYS C 105 -25.81 -27.04 20.23
C LYS C 105 -24.59 -27.19 21.18
N ASP C 106 -23.96 -26.07 21.52
CA ASP C 106 -22.62 -26.06 22.15
C ASP C 106 -22.33 -24.71 22.83
N GLY C 107 -21.30 -24.67 23.69
CA GLY C 107 -20.86 -23.44 24.34
C GLY C 107 -20.07 -22.60 23.36
N PHE C 108 -20.74 -22.14 22.30
CA PHE C 108 -20.10 -21.33 21.26
C PHE C 108 -19.65 -20.04 21.86
N LEU C 109 -20.52 -19.41 22.62
CA LEU C 109 -20.24 -18.10 23.17
C LEU C 109 -19.10 -18.03 24.22
N LYS C 110 -18.97 -19.10 24.99
CA LYS C 110 -17.85 -19.26 25.87
C LYS C 110 -16.55 -19.34 25.04
N LYS C 111 -16.54 -20.17 23.99
CA LYS C 111 -15.39 -20.28 23.09
C LYS C 111 -15.00 -18.94 22.44
N VAL C 112 -16.01 -18.24 21.94
CA VAL C 112 -15.82 -16.95 21.38
C VAL C 112 -15.15 -16.00 22.39
N GLU C 114 -13.35 -16.69 25.07
CA GLU C 114 -12.20 -17.20 25.75
C GLU C 114 -10.99 -17.55 24.84
N THR C 115 -11.16 -17.52 23.52
CA THR C 115 -10.07 -17.82 22.58
C THR C 115 -9.23 -16.56 22.29
N ARG C 116 -8.13 -16.47 23.00
CA ARG C 116 -7.24 -15.30 22.92
C ARG C 116 -6.79 -14.97 21.52
N ALA C 117 -6.55 -16.02 20.73
CA ALA C 117 -5.96 -15.86 19.41
C ALA C 117 -6.72 -14.92 18.53
N PHE C 118 -8.03 -14.95 18.63
CA PHE C 118 -8.85 -14.16 17.74
C PHE C 118 -8.52 -12.71 17.89
N TYR C 119 -8.28 -12.31 19.14
CA TYR C 119 -8.21 -10.88 19.48
C TYR C 119 -6.82 -10.29 19.40
N GLU C 120 -5.87 -11.09 19.00
CA GLU C 120 -4.56 -10.52 18.71
C GLU C 120 -4.64 -9.70 17.42
N LYS C 121 -5.66 -9.90 16.57
CA LYS C 121 -5.70 -9.19 15.30
C LYS C 121 -6.34 -7.88 15.50
N ASP C 122 -6.25 -7.03 14.49
CA ASP C 122 -6.84 -5.68 14.59
C ASP C 122 -8.31 -5.68 14.46
N VAL C 123 -8.84 -6.62 13.68
CA VAL C 123 -10.23 -6.62 13.30
C VAL C 123 -10.74 -8.03 13.47
N ILE C 124 -11.87 -8.20 14.18
CA ILE C 124 -12.45 -9.52 14.35
C ILE C 124 -13.89 -9.59 13.81
N ILE C 125 -14.15 -10.52 12.90
CA ILE C 125 -15.41 -10.59 12.18
C ILE C 125 -16.12 -11.90 12.51
N PHE C 126 -17.39 -11.83 12.92
CA PHE C 126 -18.18 -13.03 13.17
C PHE C 126 -19.32 -13.03 12.18
N ASP C 127 -19.24 -13.90 11.21
CA ASP C 127 -20.26 -14.04 10.21
C ASP C 127 -20.71 -15.50 10.28
N SER C 128 -21.64 -15.89 11.16
CA SER C 128 -22.71 -15.09 11.76
C SER C 128 -22.68 -15.18 13.27
N ILE C 129 -22.81 -14.02 13.93
CA ILE C 129 -22.85 -14.05 15.35
C ILE C 129 -24.27 -14.55 15.73
N SER C 130 -25.27 -14.30 14.87
CA SER C 130 -26.64 -14.77 15.18
C SER C 130 -26.71 -16.31 15.23
N ALA C 131 -26.01 -17.01 14.35
CA ALA C 131 -25.99 -18.46 14.41
C ALA C 131 -25.28 -18.92 15.67
N LEU C 132 -24.20 -18.24 16.04
CA LEU C 132 -23.49 -18.64 17.28
C LEU C 132 -24.33 -18.46 18.57
N ILE C 133 -25.09 -17.37 18.64
CA ILE C 133 -25.96 -17.16 19.80
C ILE C 133 -27.15 -18.16 19.77
N ALA C 134 -27.82 -18.26 18.62
CA ALA C 134 -29.00 -19.11 18.45
C ALA C 134 -28.70 -20.56 18.73
N ASN C 135 -27.46 -21.00 18.52
CA ASN C 135 -27.06 -22.39 18.85
C ASN C 135 -26.19 -22.58 20.10
N ASP C 136 -26.08 -21.54 20.92
CA ASP C 136 -25.37 -21.64 22.18
C ASP C 136 -26.18 -22.45 23.22
N ALA C 137 -25.47 -23.20 24.05
CA ALA C 137 -26.07 -24.08 25.04
C ALA C 137 -25.44 -23.78 26.40
N SER C 138 -25.84 -22.67 27.01
CA SER C 138 -25.17 -22.20 28.22
C SER C 138 -25.96 -21.09 28.85
N GLU C 139 -25.52 -20.66 30.03
CA GLU C 139 -26.10 -19.48 30.69
C GLU C 139 -25.46 -18.17 30.26
N VAL C 140 -24.49 -18.21 29.37
CA VAL C 140 -24.00 -16.96 28.78
C VAL C 140 -25.11 -16.32 27.97
N ASN C 141 -25.42 -15.08 28.30
CA ASN C 141 -26.38 -14.31 27.53
C ASN C 141 -25.73 -13.20 26.71
N VAL C 142 -26.58 -12.54 25.94
CA VAL C 142 -26.15 -11.56 25.02
C VAL C 142 -25.57 -10.31 25.68
N ASP C 143 -26.14 -9.84 26.81
CA ASP C 143 -25.55 -8.75 27.58
C ASP C 143 -24.09 -9.03 27.94
N ASP C 144 -23.82 -10.28 28.30
CA ASP C 144 -22.47 -10.71 28.64
C ASP C 144 -21.56 -10.67 27.44
N LEU C 145 -22.08 -11.14 26.32
CA LEU C 145 -21.33 -11.15 25.10
C LEU C 145 -21.06 -9.71 24.67
N ALA C 147 -21.01 -6.98 26.56
CA ALA C 147 -20.05 -6.42 27.50
C ALA C 147 -18.61 -6.87 27.17
N PHE C 148 -18.45 -8.12 26.77
CA PHE C 148 -17.17 -8.63 26.42
C PHE C 148 -16.64 -7.93 25.14
N PHE C 149 -17.48 -7.84 24.11
CA PHE C 149 -17.09 -7.14 22.93
C PHE C 149 -16.70 -5.67 23.22
N LYS C 150 -17.47 -4.99 24.06
CA LYS C 150 -17.15 -3.60 24.49
C LYS C 150 -15.78 -3.44 25.16
N ARG C 151 -15.40 -4.47 25.89
CA ARG C 151 -14.12 -4.53 26.52
C ARG C 151 -13.01 -4.65 25.47
N ILE C 152 -13.23 -5.47 24.45
CA ILE C 152 -12.23 -5.63 23.40
C ILE C 152 -12.15 -4.38 22.52
N THR C 153 -13.30 -3.82 22.13
CA THR C 153 -13.28 -2.59 21.34
C THR C 153 -12.68 -1.40 22.14
N ALA C 154 -12.74 -1.45 23.46
CA ALA C 154 -12.05 -0.46 24.28
C ALA C 154 -10.54 -0.53 24.13
N LEU C 155 -10.01 -1.65 23.67
CA LEU C 155 -8.58 -1.74 23.28
C LEU C 155 -8.30 -1.17 21.88
N LYS C 156 -9.24 -0.47 21.25
CA LYS C 156 -9.09 0.09 19.91
C LYS C 156 -9.23 -0.94 18.75
N LYS C 157 -9.47 -2.19 19.08
CA LYS C 157 -9.83 -3.16 18.04
C LYS C 157 -11.22 -2.90 17.49
N ILE C 158 -11.48 -3.54 16.36
CA ILE C 158 -12.74 -3.42 15.67
C ILE C 158 -13.41 -4.75 15.59
N ILE C 159 -14.70 -4.83 15.98
CA ILE C 159 -15.47 -6.07 15.83
C ILE C 159 -16.66 -5.89 14.88
N ILE C 160 -16.88 -6.88 14.03
CA ILE C 160 -17.93 -6.82 13.01
C ILE C 160 -18.71 -8.12 13.06
N CYS C 161 -20.03 -8.05 13.30
CA CYS C 161 -20.88 -9.23 13.30
C CYS C 161 -21.98 -9.11 12.28
N THR C 162 -22.33 -10.25 11.66
CA THR C 162 -23.58 -10.27 10.90
C THR C 162 -24.66 -10.95 11.76
N VAL C 163 -25.89 -10.50 11.55
CA VAL C 163 -27.04 -10.96 12.28
C VAL C 163 -28.12 -11.21 11.29
N ASN C 164 -28.66 -12.43 11.30
CA ASN C 164 -29.89 -12.68 10.57
C ASN C 164 -31.07 -12.61 11.57
N PRO C 165 -31.96 -11.63 11.42
CA PRO C 165 -32.98 -11.45 12.45
C PRO C 165 -33.97 -12.60 12.59
N LYS C 166 -34.07 -13.42 11.56
CA LYS C 166 -35.02 -14.50 11.55
C LYS C 166 -34.65 -15.66 12.44
N GLU C 167 -33.47 -15.61 13.03
CA GLU C 167 -33.03 -16.76 13.85
C GLU C 167 -32.82 -16.36 15.32
N LEU C 168 -33.14 -15.12 15.65
CA LEU C 168 -33.17 -14.65 17.07
C LEU C 168 -34.45 -13.90 17.40
N PRO C 169 -34.88 -14.01 18.67
CA PRO C 169 -35.97 -13.14 19.18
C PRO C 169 -35.62 -11.67 19.25
N GLU C 170 -36.66 -10.87 19.14
CA GLU C 170 -36.59 -9.41 19.13
C GLU C 170 -35.93 -8.89 20.38
N SER C 171 -36.20 -9.56 21.48
CA SER C 171 -35.62 -9.17 22.78
C SER C 171 -34.09 -9.13 22.66
N VAL C 172 -33.52 -10.15 22.07
CA VAL C 172 -32.08 -10.26 21.89
C VAL C 172 -31.54 -9.27 20.84
N LEU C 173 -32.24 -9.14 19.73
CA LEU C 173 -31.84 -8.26 18.67
C LEU C 173 -31.71 -6.84 19.17
N THR C 174 -32.74 -6.35 19.88
CA THR C 174 -32.73 -5.03 20.46
C THR C 174 -31.47 -4.78 21.31
N ILE C 175 -30.99 -5.77 22.06
CA ILE C 175 -29.77 -5.60 22.87
C ILE C 175 -28.51 -5.47 21.97
N ILE C 176 -28.43 -6.27 20.94
CA ILE C 176 -27.29 -6.20 20.01
C ILE C 176 -27.26 -4.81 19.35
N ARG C 177 -28.44 -4.36 18.92
CA ARG C 177 -28.55 -3.08 18.27
C ARG C 177 -28.11 -1.92 19.20
N THR C 178 -28.53 -1.97 20.45
CA THR C 178 -28.10 -0.95 21.42
C THR C 178 -26.59 -0.97 21.63
N SER C 179 -26.01 -2.15 21.66
CA SER C 179 -24.61 -2.26 21.84
C SER C 179 -23.86 -1.75 20.61
N ALA C 180 -24.44 -1.85 19.42
CA ALA C 180 -23.72 -1.49 18.22
C ALA C 180 -23.21 -0.07 18.30
N THR C 181 -21.94 0.19 17.89
CA THR C 181 -21.54 1.59 17.63
C THR C 181 -21.92 1.96 16.21
N LEU C 183 -24.51 0.47 13.17
CA LEU C 183 -25.52 -0.47 12.82
C LEU C 183 -25.94 -0.27 11.41
N ILE C 184 -25.85 -1.36 10.66
CA ILE C 184 -26.13 -1.32 9.26
C ILE C 184 -27.16 -2.38 9.01
N ARG C 185 -28.23 -1.98 8.35
CA ARG C 185 -29.20 -2.94 7.92
C ARG C 185 -29.19 -3.13 6.41
N THR C 186 -29.14 -4.38 5.99
CA THR C 186 -29.13 -4.71 4.57
C THR C 186 -30.48 -5.24 4.11
N GLU C 187 -30.85 -4.88 2.88
CA GLU C 187 -32.05 -5.40 2.19
C GLU C 187 -31.80 -5.57 0.69
N LEU C 188 -32.69 -6.30 0.04
CA LEU C 188 -32.79 -6.33 -1.41
C LEU C 188 -33.94 -5.46 -1.83
N PHE C 189 -33.80 -4.82 -2.99
CA PHE C 189 -34.90 -4.08 -3.61
C PHE C 189 -34.63 -4.00 -5.11
N THR C 190 -35.66 -3.67 -5.86
CA THR C 190 -35.58 -3.70 -7.32
C THR C 190 -35.93 -2.34 -7.92
N PHE C 191 -35.06 -1.83 -8.78
CA PHE C 191 -35.42 -0.66 -9.61
C PHE C 191 -35.07 -0.89 -11.07
N GLY C 192 -36.02 -0.62 -11.96
CA GLY C 192 -35.89 -1.04 -13.33
C GLY C 192 -35.86 -2.54 -13.20
N GLY C 193 -35.18 -3.23 -14.10
CA GLY C 193 -35.14 -4.69 -14.02
C GLY C 193 -34.29 -5.23 -12.89
N ASP C 194 -33.56 -4.34 -12.23
CA ASP C 194 -32.43 -4.75 -11.42
C ASP C 194 -32.72 -4.97 -9.96
N LEU C 195 -32.34 -6.14 -9.46
CA LEU C 195 -32.27 -6.31 -8.03
C LEU C 195 -31.05 -5.54 -7.61
N LYS C 196 -31.09 -5.00 -6.41
CA LYS C 196 -29.91 -4.39 -5.84
C LYS C 196 -29.90 -4.59 -4.34
N ASN C 197 -28.73 -4.39 -3.73
CA ASN C 197 -28.63 -4.39 -2.29
C ASN C 197 -28.70 -2.95 -1.78
N LEU C 198 -29.30 -2.74 -0.63
CA LEU C 198 -29.20 -1.47 0.05
C LEU C 198 -28.67 -1.72 1.43
N ALA C 199 -27.66 -0.94 1.82
CA ALA C 199 -27.11 -0.99 3.15
C ALA C 199 -27.43 0.34 3.75
N LYS C 200 -28.24 0.34 4.79
CA LYS C 200 -28.63 1.55 5.45
C LYS C 200 -27.99 1.68 6.82
N ILE C 201 -27.34 2.81 7.05
CA ILE C 201 -26.57 3.01 8.25
C ILE C 201 -27.50 3.64 9.22
N LEU C 202 -28.08 2.83 10.07
CA LEU C 202 -29.11 3.31 10.98
C LEU C 202 -28.50 4.04 12.14
N LYS C 203 -27.23 3.80 12.42
CA LYS C 203 -26.61 4.41 13.57
C LYS C 203 -25.11 4.36 13.36
N TYR C 204 -24.41 5.39 13.77
CA TYR C 204 -22.97 5.46 13.53
C TYR C 204 -22.35 6.37 14.58
N ASN C 205 -22.07 5.82 15.74
CA ASN C 205 -21.32 6.56 16.75
C ASN C 205 -19.90 6.75 16.32
N ALA C 207 -18.98 8.64 14.17
CA ALA C 207 -18.95 8.81 12.73
C ALA C 207 -17.83 9.79 12.45
N PRO C 208 -16.83 9.37 11.69
CA PRO C 208 -15.65 10.18 11.48
C PRO C 208 -15.81 11.36 10.52
N GLY C 209 -16.98 11.47 9.89
CA GLY C 209 -17.25 12.56 8.98
C GLY C 209 -18.66 12.40 8.46
N SER C 210 -18.99 13.23 7.49
CA SER C 210 -20.25 13.10 6.81
C SER C 210 -20.23 11.76 6.07
N TYR C 211 -21.36 11.07 6.12
CA TYR C 211 -21.44 9.76 5.50
C TYR C 211 -22.80 9.54 4.86
N GLN C 212 -22.85 8.62 3.91
CA GLN C 212 -24.06 8.41 3.21
C GLN C 212 -24.88 7.42 4.05
N LYS C 213 -26.16 7.73 4.25
CA LYS C 213 -27.07 6.90 5.06
C LYS C 213 -27.47 5.66 4.27
N ASN C 214 -27.74 5.81 2.99
CA ASN C 214 -28.17 4.72 2.16
C ASN C 214 -27.17 4.41 1.11
N ILE C 215 -26.65 3.21 1.12
CA ILE C 215 -25.63 2.84 0.17
C ILE C 215 -26.20 1.73 -0.70
N VAL C 216 -26.44 2.03 -1.96
CA VAL C 216 -26.88 1.03 -2.89
C VAL C 216 -25.70 0.31 -3.59
N PHE C 217 -25.78 -1.01 -3.75
CA PHE C 217 -24.77 -1.75 -4.50
C PHE C 217 -25.30 -3.02 -5.12
N ARG C 218 -24.45 -3.66 -5.93
CA ARG C 218 -24.67 -5.03 -6.37
C ARG C 218 -23.34 -5.80 -6.22
N VAL C 219 -23.42 -7.12 -6.17
CA VAL C 219 -22.25 -7.96 -6.09
C VAL C 219 -21.92 -8.45 -7.50
N GLU C 220 -20.71 -8.15 -7.95
CA GLU C 220 -20.31 -8.50 -9.30
C GLU C 220 -19.17 -9.50 -9.29
N PRO C 221 -19.29 -10.59 -10.09
CA PRO C 221 -18.17 -11.50 -10.31
C PRO C 221 -16.87 -10.76 -10.66
N LYS C 222 -15.79 -11.11 -9.97
CA LYS C 222 -14.42 -10.60 -10.22
C LYS C 222 -14.23 -9.08 -9.96
N ILE C 223 -15.19 -8.48 -9.26
CA ILE C 223 -15.10 -7.11 -8.74
C ILE C 223 -15.39 -7.16 -7.24
N GLY C 224 -16.50 -7.79 -6.88
CA GLY C 224 -17.03 -7.76 -5.53
C GLY C 224 -18.16 -6.74 -5.48
N ILE C 225 -18.21 -5.97 -4.39
CA ILE C 225 -19.14 -4.86 -4.24
C ILE C 225 -18.90 -3.83 -5.34
N ALA C 226 -19.91 -3.61 -6.16
CA ALA C 226 -19.96 -2.47 -7.08
C ALA C 226 -20.93 -1.46 -6.51
N VAL C 227 -20.44 -0.33 -6.01
CA VAL C 227 -21.28 0.70 -5.40
C VAL C 227 -21.89 1.58 -6.47
N GLU C 228 -23.19 1.82 -6.39
CA GLU C 228 -23.88 2.72 -7.34
C GLU C 228 -23.81 4.16 -6.82
N ILE C 229 -23.66 5.08 -7.76
CA ILE C 229 -23.30 6.48 -7.46
C ILE C 229 -24.41 7.39 -6.92
N ALA C 230 -24.01 8.42 -6.15
CA ALA C 230 -24.90 9.49 -5.67
C ALA C 230 -25.76 9.01 -4.52
#